data_6N7J
#
_entry.id   6N7J
#
_cell.length_a   51.452
_cell.length_b   191.580
_cell.length_c   63.362
_cell.angle_alpha   90.00
_cell.angle_beta   109.98
_cell.angle_gamma   90.00
#
_symmetry.space_group_name_H-M   'P 1 21 1'
#
loop_
_entity.id
_entity.type
_entity.pdbx_description
1 polymer 'BDBV223 antibody heavy chain'
2 polymer 'BDBV223 antibody light chain'
3 polymer 'Envelope glycoprotein'
#
loop_
_entity_poly.entity_id
_entity_poly.type
_entity_poly.pdbx_seq_one_letter_code
_entity_poly.pdbx_strand_id
1 'polypeptide(L)'
;QVQLQQWGAGLLKPSETLSLTCAVYGGSFTTTYWNWIRQPPGKGLEWIGEVNYSGNANYNPSLKGRVAISVDTSKNQFSL
RLNSVTAADTAIYYCTSRIRSHIAYSWKGDVWGKGTTVTVSSASTKGPSVFPLAPSSKSTSGGTAALGCLVKDYFPEPVT
VSWNSGALTSGVHTFPAVLQSSGLYSLSSVVTVPSSSLGTQTYICNVNHKPSNTKVDKKVEPKSCDKTRA
;
A,H
2 'polypeptide(L)'
;EIVMTQSPGTLSLSPGERATLSCRASQSVPRNYIGWFQQKPGQAPRLLIYGASSRAAGFPDRFSGSGSGTDFTLTITRLE
PEDFAMYYCHQYDRLPYTFGQGTKLEIKRTVAAPSVFIFPPSDEQLKSGTASVVCLLNNFYPREAKVQWKVDNALQSGNS
QESVTEQDSKDSTYSLSSTLTLSKADYEKHKVYACEVTHQGLRSPVTKSFNRGEC
;
B,L
3 'polypeptide(L)' TDKIDQIIHDFIDKPL C,D
#
# COMPACT_ATOMS: atom_id res chain seq x y z
N GLN A 1 -5.77 -28.56 -10.50
CA GLN A 1 -5.67 -29.44 -11.71
C GLN A 1 -6.75 -29.10 -12.72
N VAL A 2 -7.22 -27.85 -12.69
CA VAL A 2 -8.30 -27.42 -13.57
C VAL A 2 -7.75 -27.23 -14.98
N GLN A 3 -8.57 -27.60 -15.97
CA GLN A 3 -8.21 -27.43 -17.37
C GLN A 3 -9.46 -27.09 -18.15
N LEU A 4 -9.34 -26.15 -19.09
CA LEU A 4 -10.46 -25.68 -19.88
C LEU A 4 -10.27 -26.06 -21.34
N GLN A 5 -11.28 -26.72 -21.92
CA GLN A 5 -11.24 -27.21 -23.30
C GLN A 5 -12.27 -26.43 -24.11
N GLN A 6 -11.80 -25.58 -25.02
CA GLN A 6 -12.65 -24.68 -25.78
C GLN A 6 -12.77 -25.15 -27.22
N TRP A 7 -14.00 -25.20 -27.73
CA TRP A 7 -14.23 -25.49 -29.14
C TRP A 7 -15.32 -24.56 -29.67
N GLY A 8 -15.15 -24.16 -30.94
CA GLY A 8 -16.08 -23.24 -31.57
C GLY A 8 -15.75 -23.09 -33.04
N ALA A 9 -16.58 -22.31 -33.73
CA ALA A 9 -16.43 -22.09 -35.16
C ALA A 9 -15.58 -20.84 -35.39
N GLY A 10 -14.41 -21.02 -35.99
CA GLY A 10 -13.50 -19.89 -36.18
C GLY A 10 -13.96 -18.94 -37.27
N LEU A 11 -14.24 -19.47 -38.46
CA LEU A 11 -14.54 -18.64 -39.62
C LEU A 11 -16.04 -18.55 -39.83
N LEU A 12 -16.54 -17.31 -39.97
CA LEU A 12 -17.95 -17.05 -40.21
C LEU A 12 -18.08 -15.86 -41.14
N LYS A 13 -19.18 -15.83 -41.89
CA LYS A 13 -19.47 -14.69 -42.74
C LYS A 13 -20.15 -13.57 -41.94
N PRO A 14 -20.06 -12.33 -42.41
CA PRO A 14 -20.68 -11.22 -41.66
C PRO A 14 -22.16 -11.47 -41.40
N SER A 15 -22.63 -10.94 -40.27
CA SER A 15 -24.04 -11.04 -39.90
C SER A 15 -24.47 -12.49 -39.66
N GLU A 16 -23.57 -13.26 -39.06
CA GLU A 16 -23.85 -14.65 -38.68
C GLU A 16 -23.53 -14.85 -37.21
N THR A 17 -24.40 -15.59 -36.53
CA THR A 17 -24.23 -15.79 -35.10
C THR A 17 -22.94 -16.53 -34.80
N LEU A 18 -22.25 -16.09 -33.75
CA LEU A 18 -21.00 -16.68 -33.28
C LEU A 18 -21.31 -17.49 -32.02
N SER A 19 -21.17 -18.80 -32.10
CA SER A 19 -21.40 -19.68 -30.96
C SER A 19 -20.09 -20.37 -30.62
N LEU A 20 -19.55 -20.07 -29.45
CA LEU A 20 -18.35 -20.72 -28.94
C LEU A 20 -18.70 -21.43 -27.64
N THR A 21 -17.93 -22.46 -27.29
CA THR A 21 -18.18 -23.14 -26.03
C THR A 21 -16.86 -23.51 -25.34
N CYS A 22 -16.92 -23.53 -24.01
CA CYS A 22 -15.77 -23.77 -23.16
C CYS A 22 -16.16 -24.79 -22.10
N ALA A 23 -15.26 -25.74 -21.84
CA ALA A 23 -15.52 -26.88 -20.96
C ALA A 23 -14.57 -26.84 -19.77
N VAL A 24 -15.07 -27.28 -18.62
CA VAL A 24 -14.35 -27.20 -17.34
C VAL A 24 -14.09 -28.61 -16.83
N TYR A 25 -12.81 -28.96 -16.71
CA TYR A 25 -12.38 -30.19 -16.04
C TYR A 25 -11.67 -29.85 -14.74
N GLY A 26 -12.01 -30.56 -13.67
CA GLY A 26 -11.32 -30.43 -12.41
C GLY A 26 -12.00 -29.56 -11.37
N GLY A 27 -13.02 -28.80 -11.75
CA GLY A 27 -13.66 -27.90 -10.82
C GLY A 27 -15.10 -27.64 -11.20
N SER A 28 -15.91 -27.30 -10.20
CA SER A 28 -17.33 -27.13 -10.41
C SER A 28 -17.64 -25.74 -10.98
N PHE A 29 -18.81 -25.63 -11.61
CA PHE A 29 -19.30 -24.33 -12.05
C PHE A 29 -19.69 -23.45 -10.87
N THR A 30 -20.18 -24.06 -9.80
CA THR A 30 -20.65 -23.28 -8.66
C THR A 30 -19.51 -22.68 -7.86
N THR A 31 -18.30 -23.25 -7.95
CA THR A 31 -17.19 -22.78 -7.13
C THR A 31 -16.58 -21.49 -7.67
N THR A 32 -16.54 -21.33 -8.99
CA THR A 32 -15.86 -20.21 -9.62
C THR A 32 -16.75 -19.59 -10.69
N TYR A 33 -16.67 -18.27 -10.80
CA TYR A 33 -17.34 -17.56 -11.87
C TYR A 33 -16.57 -17.73 -13.18
N TRP A 34 -17.29 -17.58 -14.29
CA TRP A 34 -16.68 -17.74 -15.60
C TRP A 34 -16.94 -16.49 -16.42
N ASN A 35 -16.05 -16.18 -17.36
CA ASN A 35 -16.23 -15.02 -18.19
C ASN A 35 -15.53 -15.21 -19.54
N TRP A 36 -16.03 -14.47 -20.52
CA TRP A 36 -15.51 -14.48 -21.88
C TRP A 36 -14.89 -13.13 -22.21
N ILE A 37 -13.69 -13.17 -22.78
CA ILE A 37 -12.96 -11.98 -23.22
C ILE A 37 -12.53 -12.21 -24.67
N ARG A 38 -12.21 -11.12 -25.36
CA ARG A 38 -11.70 -11.19 -26.71
C ARG A 38 -10.54 -10.23 -26.88
N GLN A 39 -9.50 -10.67 -27.59
CA GLN A 39 -8.37 -9.82 -27.93
C GLN A 39 -8.33 -9.60 -29.43
N PRO A 40 -8.68 -8.42 -29.94
CA PRO A 40 -8.48 -8.13 -31.36
C PRO A 40 -7.00 -8.20 -31.73
N PRO A 41 -6.67 -8.34 -33.01
CA PRO A 41 -5.27 -8.50 -33.39
C PRO A 41 -4.48 -7.22 -33.11
N GLY A 42 -3.34 -7.39 -32.43
CA GLY A 42 -2.49 -6.27 -32.09
C GLY A 42 -3.22 -5.11 -31.42
N LYS A 43 -4.08 -5.42 -30.45
CA LYS A 43 -4.82 -4.40 -29.74
C LYS A 43 -5.02 -4.85 -28.29
N GLY A 44 -5.59 -3.95 -27.50
CA GLY A 44 -5.82 -4.22 -26.10
C GLY A 44 -6.91 -5.24 -25.86
N LEU A 45 -6.82 -5.89 -24.70
CA LEU A 45 -7.82 -6.88 -24.31
C LEU A 45 -9.17 -6.21 -24.07
N GLU A 46 -10.23 -6.97 -24.35
CA GLU A 46 -11.59 -6.52 -24.10
C GLU A 46 -12.36 -7.63 -23.42
N TRP A 47 -13.17 -7.27 -22.43
CA TRP A 47 -13.99 -8.22 -21.70
C TRP A 47 -15.43 -8.10 -22.20
N ILE A 48 -15.90 -9.12 -22.91
CA ILE A 48 -17.26 -9.07 -23.44
C ILE A 48 -18.27 -9.42 -22.35
N GLY A 49 -18.03 -10.48 -21.56
CA GLY A 49 -19.07 -10.85 -20.63
C GLY A 49 -18.61 -11.76 -19.52
N GLU A 50 -19.52 -11.97 -18.57
CA GLU A 50 -19.32 -12.90 -17.47
C GLU A 50 -20.61 -13.61 -17.11
N VAL A 51 -20.46 -14.83 -16.61
CA VAL A 51 -21.57 -15.73 -16.30
C VAL A 51 -21.33 -16.43 -14.96
N ASN A 52 -22.44 -16.75 -14.31
CA ASN A 52 -22.51 -17.49 -13.05
C ASN A 52 -23.29 -18.77 -13.31
N TYR A 53 -23.07 -19.77 -12.44
CA TYR A 53 -23.73 -21.06 -12.63
C TYR A 53 -25.25 -20.92 -12.61
N SER A 54 -25.77 -19.94 -11.86
CA SER A 54 -27.20 -19.74 -11.73
C SER A 54 -27.86 -19.21 -13.00
N GLY A 55 -27.07 -18.83 -14.01
CA GLY A 55 -27.60 -18.25 -15.22
C GLY A 55 -27.47 -16.74 -15.29
N ASN A 56 -27.24 -16.08 -14.16
CA ASN A 56 -27.05 -14.64 -14.16
C ASN A 56 -25.84 -14.28 -15.01
N ALA A 57 -26.01 -13.30 -15.90
CA ALA A 57 -24.98 -12.91 -16.84
C ALA A 57 -24.85 -11.39 -16.84
N ASN A 58 -23.62 -10.90 -16.80
CA ASN A 58 -23.34 -9.47 -16.85
C ASN A 58 -22.43 -9.20 -18.04
N TYR A 59 -22.86 -8.32 -18.93
CA TYR A 59 -22.21 -8.12 -20.22
C TYR A 59 -21.59 -6.73 -20.30
N ASN A 60 -20.58 -6.62 -21.15
CA ASN A 60 -19.95 -5.34 -21.41
C ASN A 60 -21.01 -4.32 -21.82
N PRO A 61 -20.96 -3.08 -21.32
CA PRO A 61 -22.07 -2.14 -21.56
C PRO A 61 -22.21 -1.75 -23.02
N SER A 62 -21.15 -1.86 -23.82
CA SER A 62 -21.22 -1.51 -25.23
C SER A 62 -22.02 -2.53 -26.01
N LEU A 63 -21.74 -3.82 -25.80
CA LEU A 63 -22.30 -4.90 -26.60
C LEU A 63 -23.54 -5.56 -25.98
N LYS A 64 -24.07 -5.00 -24.88
CA LYS A 64 -25.09 -5.71 -24.11
C LYS A 64 -26.19 -6.28 -25.00
N GLY A 65 -26.72 -5.47 -25.92
CA GLY A 65 -27.85 -5.91 -26.71
C GLY A 65 -27.53 -7.06 -27.63
N ARG A 66 -26.33 -7.08 -28.19
CA ARG A 66 -25.98 -8.09 -29.20
C ARG A 66 -25.59 -9.43 -28.60
N VAL A 67 -24.96 -9.43 -27.42
CA VAL A 67 -24.37 -10.65 -26.86
C VAL A 67 -25.33 -11.29 -25.87
N ALA A 68 -25.38 -12.62 -25.89
CA ALA A 68 -26.07 -13.40 -24.87
C ALA A 68 -25.24 -14.64 -24.60
N ILE A 69 -25.00 -14.93 -23.32
CA ILE A 69 -24.20 -16.07 -22.91
C ILE A 69 -25.08 -16.98 -22.07
N SER A 70 -25.00 -18.28 -22.33
CA SER A 70 -25.77 -19.25 -21.57
C SER A 70 -24.84 -20.35 -21.10
N VAL A 71 -25.10 -20.88 -19.91
CA VAL A 71 -24.21 -21.86 -19.29
C VAL A 71 -25.06 -23.04 -18.82
N ASP A 72 -24.57 -24.25 -19.04
CA ASP A 72 -25.26 -25.44 -18.54
C ASP A 72 -24.30 -26.27 -17.69
N THR A 73 -24.59 -26.37 -16.39
CA THR A 73 -23.76 -27.15 -15.50
C THR A 73 -23.93 -28.65 -15.72
N SER A 74 -25.02 -29.07 -16.36
CA SER A 74 -25.24 -30.49 -16.62
C SER A 74 -24.01 -31.13 -17.24
N LYS A 75 -23.46 -30.51 -18.29
CA LYS A 75 -22.27 -31.00 -18.96
C LYS A 75 -21.00 -30.35 -18.47
N ASN A 76 -21.08 -29.46 -17.47
CA ASN A 76 -19.93 -28.68 -17.03
C ASN A 76 -19.34 -27.91 -18.20
N GLN A 77 -20.19 -27.16 -18.90
CA GLN A 77 -19.73 -26.34 -20.02
C GLN A 77 -20.60 -25.09 -20.13
N PHE A 78 -20.00 -24.03 -20.64
CA PHE A 78 -20.68 -22.77 -20.85
C PHE A 78 -20.39 -22.26 -22.25
N SER A 79 -21.38 -21.57 -22.82
CA SER A 79 -21.36 -21.19 -24.23
C SER A 79 -21.67 -19.70 -24.40
N LEU A 80 -20.94 -19.09 -25.33
CA LEU A 80 -21.12 -17.69 -25.71
C LEU A 80 -21.82 -17.63 -27.05
N ARG A 81 -22.94 -16.90 -27.10
CA ARG A 81 -23.69 -16.68 -28.32
C ARG A 81 -23.72 -15.19 -28.63
N LEU A 82 -23.31 -14.83 -29.84
CA LEU A 82 -23.28 -13.44 -30.27
C LEU A 82 -24.06 -13.33 -31.58
N ASN A 83 -24.76 -12.21 -31.77
CA ASN A 83 -25.63 -12.05 -32.91
C ASN A 83 -25.28 -10.79 -33.68
N SER A 84 -25.60 -10.80 -34.97
CA SER A 84 -25.38 -9.66 -35.87
C SER A 84 -23.93 -9.19 -35.81
N VAL A 85 -23.01 -10.14 -35.97
CA VAL A 85 -21.59 -9.83 -35.91
C VAL A 85 -21.17 -9.08 -37.18
N THR A 86 -20.08 -8.33 -37.07
CA THR A 86 -19.53 -7.59 -38.20
C THR A 86 -18.01 -7.73 -38.18
N ALA A 87 -17.38 -7.33 -39.29
CA ALA A 87 -15.94 -7.47 -39.43
C ALA A 87 -15.19 -6.85 -38.25
N ALA A 88 -15.73 -5.77 -37.67
CA ALA A 88 -15.05 -5.13 -36.55
C ALA A 88 -14.87 -6.05 -35.36
N ASP A 89 -15.62 -7.16 -35.31
CA ASP A 89 -15.53 -8.12 -34.21
C ASP A 89 -14.43 -9.16 -34.42
N THR A 90 -13.69 -9.10 -35.51
CA THR A 90 -12.59 -10.02 -35.73
C THR A 90 -11.63 -9.98 -34.53
N ALA A 91 -11.36 -11.13 -33.94
CA ALA A 91 -10.50 -11.15 -32.75
C ALA A 91 -10.22 -12.60 -32.39
N ILE A 92 -9.40 -12.78 -31.35
CA ILE A 92 -9.12 -14.08 -30.77
C ILE A 92 -9.88 -14.18 -29.46
N TYR A 93 -10.80 -15.14 -29.38
CA TYR A 93 -11.71 -15.25 -28.23
C TYR A 93 -11.14 -16.22 -27.20
N TYR A 94 -11.07 -15.76 -25.95
CA TYR A 94 -10.59 -16.55 -24.83
C TYR A 94 -11.69 -16.71 -23.79
N CYS A 95 -11.86 -17.94 -23.31
CA CYS A 95 -12.78 -18.26 -22.22
C CYS A 95 -11.98 -18.47 -20.95
N THR A 96 -12.19 -17.61 -19.96
CA THR A 96 -11.37 -17.57 -18.76
C THR A 96 -12.27 -17.54 -17.53
N SER A 97 -11.66 -17.73 -16.37
CA SER A 97 -12.34 -17.56 -15.08
C SER A 97 -11.79 -16.33 -14.39
N ARG A 98 -12.67 -15.50 -13.84
CA ARG A 98 -12.21 -14.29 -13.17
C ARG A 98 -11.35 -14.67 -11.96
N ILE A 99 -10.43 -13.76 -11.62
CA ILE A 99 -9.45 -14.06 -10.58
C ILE A 99 -10.16 -14.27 -9.26
N ARG A 100 -9.74 -15.30 -8.53
CA ARG A 100 -10.32 -15.56 -7.22
C ARG A 100 -9.81 -14.58 -6.17
N SER A 101 -8.48 -14.49 -6.04
CA SER A 101 -7.82 -13.52 -5.17
C SER A 101 -8.40 -13.57 -3.76
N HIS A 102 -8.35 -14.76 -3.17
CA HIS A 102 -8.70 -14.91 -1.77
C HIS A 102 -7.86 -16.04 -1.20
N ILE A 103 -7.50 -15.90 0.07
CA ILE A 103 -6.61 -16.87 0.70
C ILE A 103 -7.30 -18.24 0.79
N ALA A 104 -8.62 -18.25 0.99
CA ALA A 104 -9.32 -19.48 1.27
C ALA A 104 -9.46 -20.37 0.03
N TYR A 105 -9.65 -19.77 -1.15
CA TYR A 105 -9.91 -20.56 -2.35
C TYR A 105 -8.76 -21.51 -2.67
N SER A 106 -9.13 -22.67 -3.22
CA SER A 106 -8.16 -23.57 -3.82
C SER A 106 -7.77 -23.06 -5.20
N TRP A 107 -6.52 -23.34 -5.59
CA TRP A 107 -5.95 -22.88 -6.86
C TRP A 107 -6.35 -21.42 -7.08
N LYS A 108 -5.75 -20.53 -6.29
CA LYS A 108 -6.28 -19.20 -6.05
C LYS A 108 -6.28 -18.30 -7.29
N GLY A 109 -5.60 -18.67 -8.36
CA GLY A 109 -5.55 -17.83 -9.54
C GLY A 109 -6.55 -18.24 -10.60
N ASP A 110 -6.21 -17.96 -11.86
CA ASP A 110 -7.09 -18.24 -12.99
C ASP A 110 -6.29 -18.97 -14.06
N VAL A 111 -6.99 -19.80 -14.83
CA VAL A 111 -6.39 -20.50 -15.95
C VAL A 111 -7.43 -20.63 -17.05
N TRP A 112 -6.98 -20.58 -18.31
CA TRP A 112 -7.87 -20.71 -19.44
C TRP A 112 -7.19 -21.49 -20.55
N GLY A 113 -8.01 -22.06 -21.43
CA GLY A 113 -7.51 -22.81 -22.56
C GLY A 113 -7.11 -21.91 -23.70
N LYS A 114 -6.50 -22.51 -24.72
CA LYS A 114 -5.98 -21.76 -25.85
C LYS A 114 -7.12 -21.09 -26.61
N GLY A 115 -6.99 -19.79 -26.82
CA GLY A 115 -8.04 -19.03 -27.48
C GLY A 115 -8.32 -19.54 -28.89
N THR A 116 -9.53 -19.27 -29.35
CA THR A 116 -9.97 -19.62 -30.70
C THR A 116 -9.97 -18.37 -31.56
N THR A 117 -9.18 -18.38 -32.63
CA THR A 117 -9.14 -17.25 -33.54
C THR A 117 -10.43 -17.19 -34.34
N VAL A 118 -11.11 -16.05 -34.26
CA VAL A 118 -12.39 -15.82 -34.93
C VAL A 118 -12.18 -14.71 -35.95
N THR A 119 -12.36 -15.06 -37.23
CA THR A 119 -12.19 -14.14 -38.35
C THR A 119 -13.53 -13.97 -39.05
N VAL A 120 -13.99 -12.73 -39.12
CA VAL A 120 -15.25 -12.39 -39.78
C VAL A 120 -14.89 -11.75 -41.11
N SER A 121 -15.14 -12.47 -42.20
CA SER A 121 -14.83 -11.95 -43.53
C SER A 121 -15.83 -12.49 -44.54
N SER A 122 -16.21 -11.62 -45.48
CA SER A 122 -17.11 -12.02 -46.56
C SER A 122 -16.39 -12.86 -47.60
N ALA A 123 -15.12 -12.53 -47.86
CA ALA A 123 -14.37 -13.20 -48.92
C ALA A 123 -14.18 -14.68 -48.60
N SER A 124 -14.27 -15.51 -49.64
CA SER A 124 -14.07 -16.93 -49.51
C SER A 124 -12.59 -17.27 -49.74
N THR A 125 -12.25 -18.55 -49.66
CA THR A 125 -10.87 -18.98 -49.83
C THR A 125 -10.36 -18.57 -51.20
N LYS A 126 -9.12 -18.07 -51.23
CA LYS A 126 -8.48 -17.69 -52.48
C LYS A 126 -6.99 -17.95 -52.37
N GLY A 127 -6.37 -18.30 -53.49
CA GLY A 127 -4.96 -18.58 -53.54
C GLY A 127 -4.13 -17.32 -53.66
N PRO A 128 -2.93 -17.31 -53.06
CA PRO A 128 -2.09 -16.12 -53.13
C PRO A 128 -1.48 -15.91 -54.50
N SER A 129 -1.23 -14.64 -54.82
CA SER A 129 -0.43 -14.26 -55.99
C SER A 129 0.97 -13.87 -55.54
N VAL A 130 1.98 -14.48 -56.16
CA VAL A 130 3.37 -14.27 -55.81
C VAL A 130 4.02 -13.44 -56.91
N PHE A 131 4.43 -12.22 -56.57
CA PHE A 131 5.12 -11.30 -57.46
C PHE A 131 6.52 -11.02 -56.92
N PRO A 132 7.57 -11.19 -57.72
CA PRO A 132 8.92 -10.94 -57.21
C PRO A 132 9.22 -9.46 -57.07
N LEU A 133 10.14 -9.17 -56.15
CA LEU A 133 10.64 -7.82 -55.92
C LEU A 133 12.06 -7.71 -56.46
N ALA A 134 12.29 -6.70 -57.31
CA ALA A 134 13.53 -6.64 -58.05
C ALA A 134 14.71 -6.67 -57.08
N PRO A 135 15.70 -7.53 -57.29
CA PRO A 135 16.79 -7.63 -56.31
C PRO A 135 17.68 -6.40 -56.24
N SER A 136 17.98 -5.77 -57.38
CA SER A 136 18.96 -4.70 -57.40
C SER A 136 18.53 -3.62 -58.38
N SER A 137 18.60 -2.37 -57.92
CA SER A 137 18.65 -1.21 -58.82
C SER A 137 20.02 -0.56 -58.61
N LYS A 138 20.92 -0.78 -59.56
CA LYS A 138 22.29 -0.26 -59.49
C LYS A 138 22.87 -0.43 -58.09
N SER A 139 22.75 -1.65 -57.57
CA SER A 139 23.12 -1.91 -56.18
C SER A 139 24.61 -1.61 -55.95
N THR A 140 24.91 -1.22 -54.71
CA THR A 140 26.28 -0.86 -54.34
C THR A 140 27.15 -2.11 -54.26
N SER A 141 28.30 -2.07 -54.93
CA SER A 141 29.23 -3.19 -54.88
C SER A 141 29.83 -3.31 -53.49
N GLY A 142 29.95 -4.55 -53.02
CA GLY A 142 30.45 -4.78 -51.67
C GLY A 142 29.52 -4.22 -50.60
N GLY A 143 28.21 -4.30 -50.84
CA GLY A 143 27.24 -3.75 -49.92
C GLY A 143 25.97 -4.57 -49.95
N THR A 144 25.07 -4.27 -49.01
CA THR A 144 23.84 -5.03 -48.88
C THR A 144 23.03 -4.96 -50.16
N ALA A 145 22.47 -6.10 -50.55
CA ALA A 145 21.51 -6.19 -51.65
C ALA A 145 20.24 -6.81 -51.09
N ALA A 146 19.09 -6.35 -51.58
CA ALA A 146 17.81 -6.75 -51.01
C ALA A 146 16.96 -7.45 -52.06
N LEU A 147 16.54 -8.67 -51.75
CA LEU A 147 15.61 -9.46 -52.55
C LEU A 147 14.29 -9.54 -51.81
N GLY A 148 13.20 -9.71 -52.56
CA GLY A 148 11.92 -9.90 -51.91
C GLY A 148 10.95 -10.72 -52.75
N CYS A 149 9.94 -11.21 -52.06
CA CYS A 149 8.77 -11.85 -52.67
C CYS A 149 7.52 -11.23 -52.06
N LEU A 150 6.53 -11.01 -52.92
CA LEU A 150 5.30 -10.32 -52.55
C LEU A 150 4.15 -11.31 -52.69
N VAL A 151 3.43 -11.52 -51.60
CA VAL A 151 2.24 -12.36 -51.58
C VAL A 151 1.04 -11.43 -51.46
N LYS A 152 0.04 -11.61 -52.32
CA LYS A 152 -1.07 -10.67 -52.36
C LYS A 152 -2.37 -11.40 -52.63
N ASP A 153 -3.46 -10.81 -52.12
CA ASP A 153 -4.81 -11.24 -52.44
C ASP A 153 -5.04 -12.70 -52.07
N TYR A 154 -4.78 -13.02 -50.81
CA TYR A 154 -4.91 -14.37 -50.29
C TYR A 154 -5.75 -14.39 -49.03
N PHE A 155 -6.62 -15.39 -48.95
CA PHE A 155 -7.45 -15.63 -47.76
C PHE A 155 -7.60 -17.14 -47.64
N PRO A 156 -7.65 -17.69 -46.41
CA PRO A 156 -7.54 -17.14 -45.05
C PRO A 156 -6.15 -16.67 -44.63
N GLU A 157 -6.02 -16.37 -43.33
CA GLU A 157 -4.80 -15.75 -42.82
C GLU A 157 -3.57 -16.65 -42.93
N PRO A 158 -3.61 -17.92 -42.52
CA PRO A 158 -2.36 -18.69 -42.42
C PRO A 158 -1.62 -18.77 -43.74
N VAL A 159 -0.33 -18.42 -43.70
CA VAL A 159 0.59 -18.58 -44.82
C VAL A 159 1.97 -18.78 -44.24
N THR A 160 2.83 -19.50 -44.96
CA THR A 160 4.20 -19.68 -44.54
C THR A 160 5.12 -19.43 -45.72
N VAL A 161 6.18 -18.65 -45.48
CA VAL A 161 7.16 -18.28 -46.50
C VAL A 161 8.54 -18.65 -45.99
N SER A 162 9.33 -19.31 -46.83
CA SER A 162 10.70 -19.64 -46.46
C SER A 162 11.57 -19.60 -47.70
N TRP A 163 12.80 -19.11 -47.53
CA TRP A 163 13.71 -18.87 -48.64
C TRP A 163 14.64 -20.06 -48.82
N ASN A 164 14.76 -20.52 -50.07
CA ASN A 164 15.57 -21.69 -50.40
C ASN A 164 15.14 -22.90 -49.59
N SER A 165 13.82 -23.04 -49.39
CA SER A 165 13.26 -24.17 -48.66
C SER A 165 13.79 -24.22 -47.22
N GLY A 166 13.86 -23.05 -46.58
CA GLY A 166 14.38 -22.95 -45.24
C GLY A 166 15.89 -23.01 -45.13
N ALA A 167 16.60 -23.30 -46.23
CA ALA A 167 18.05 -23.36 -46.18
C ALA A 167 18.66 -22.02 -45.80
N LEU A 168 17.99 -20.92 -46.13
CA LEU A 168 18.45 -19.58 -45.76
C LEU A 168 17.63 -19.12 -44.57
N THR A 169 18.22 -19.21 -43.37
CA THR A 169 17.58 -18.75 -42.15
C THR A 169 18.06 -17.39 -41.67
N SER A 170 19.14 -16.86 -42.23
CA SER A 170 19.80 -15.68 -41.70
C SER A 170 19.50 -14.46 -42.57
N GLY A 171 19.31 -13.32 -41.93
CA GLY A 171 18.96 -12.12 -42.67
C GLY A 171 17.61 -12.21 -43.35
N VAL A 172 16.72 -13.06 -42.84
CA VAL A 172 15.43 -13.31 -43.45
C VAL A 172 14.37 -12.59 -42.63
N HIS A 173 13.62 -11.70 -43.26
CA HIS A 173 12.52 -10.99 -42.63
C HIS A 173 11.22 -11.33 -43.35
N THR A 174 10.32 -12.01 -42.65
CA THR A 174 8.99 -12.32 -43.17
C THR A 174 7.99 -11.47 -42.40
N PHE A 175 7.31 -10.55 -43.11
CA PHE A 175 6.53 -9.53 -42.44
C PHE A 175 5.12 -10.01 -42.16
N PRO A 176 4.46 -9.44 -41.14
CA PRO A 176 3.07 -9.82 -40.86
C PRO A 176 2.13 -9.47 -42.00
N ALA A 177 1.00 -10.18 -42.02
CA ALA A 177 0.00 -9.99 -43.06
C ALA A 177 -0.74 -8.67 -42.86
N VAL A 178 -1.16 -8.06 -43.96
CA VAL A 178 -1.93 -6.83 -43.95
C VAL A 178 -3.23 -7.08 -44.71
N LEU A 179 -4.36 -6.75 -44.07
CA LEU A 179 -5.66 -6.92 -44.69
C LEU A 179 -5.99 -5.65 -45.47
N GLN A 180 -6.18 -5.79 -46.78
CA GLN A 180 -6.40 -4.65 -47.66
C GLN A 180 -7.87 -4.24 -47.67
N SER A 181 -8.18 -3.18 -48.41
CA SER A 181 -9.55 -2.67 -48.46
C SER A 181 -10.52 -3.73 -48.96
N SER A 182 -10.12 -4.49 -49.98
CA SER A 182 -11.00 -5.48 -50.57
C SER A 182 -11.41 -6.56 -49.56
N GLY A 183 -10.62 -6.75 -48.50
CA GLY A 183 -10.86 -7.81 -47.54
C GLY A 183 -9.92 -8.99 -47.66
N LEU A 184 -8.96 -8.93 -48.58
CA LEU A 184 -7.98 -9.98 -48.76
C LEU A 184 -6.63 -9.54 -48.21
N TYR A 185 -5.88 -10.51 -47.69
CA TYR A 185 -4.62 -10.22 -47.03
C TYR A 185 -3.50 -10.00 -48.05
N SER A 186 -2.52 -9.19 -47.63
CA SER A 186 -1.31 -8.95 -48.39
C SER A 186 -0.12 -9.00 -47.45
N LEU A 187 0.89 -9.79 -47.82
CA LEU A 187 2.07 -10.00 -47.00
C LEU A 187 3.30 -9.92 -47.90
N SER A 188 4.45 -9.62 -47.30
CA SER A 188 5.70 -9.52 -48.04
C SER A 188 6.85 -10.11 -47.24
N SER A 189 7.81 -10.70 -47.95
CA SER A 189 9.02 -11.23 -47.33
C SER A 189 10.23 -10.69 -48.07
N VAL A 190 11.29 -10.39 -47.32
CA VAL A 190 12.50 -9.80 -47.88
C VAL A 190 13.71 -10.43 -47.21
N VAL A 191 14.82 -10.47 -47.95
CA VAL A 191 16.10 -10.98 -47.47
C VAL A 191 17.20 -10.06 -47.95
N THR A 192 18.24 -9.92 -47.14
CA THR A 192 19.43 -9.17 -47.52
C THR A 192 20.57 -10.15 -47.75
N VAL A 193 21.31 -9.98 -48.84
CA VAL A 193 22.41 -10.86 -49.20
C VAL A 193 23.54 -10.03 -49.78
N PRO A 194 24.75 -10.58 -49.80
CA PRO A 194 25.88 -9.84 -50.37
C PRO A 194 25.71 -9.66 -51.87
N SER A 195 26.01 -8.45 -52.34
CA SER A 195 25.86 -8.15 -53.77
C SER A 195 26.69 -9.09 -54.62
N SER A 196 27.85 -9.52 -54.13
CA SER A 196 28.69 -10.44 -54.89
C SER A 196 27.99 -11.76 -55.15
N SER A 197 27.07 -12.16 -54.27
CA SER A 197 26.43 -13.47 -54.41
C SER A 197 25.42 -13.51 -55.55
N LEU A 198 24.88 -12.37 -55.96
CA LEU A 198 23.80 -12.37 -56.95
C LEU A 198 24.24 -13.06 -58.24
N GLY A 199 25.39 -12.66 -58.78
CA GLY A 199 25.90 -13.36 -59.95
C GLY A 199 26.24 -14.81 -59.64
N THR A 200 26.74 -15.05 -58.43
CA THR A 200 27.11 -16.40 -58.03
C THR A 200 25.90 -17.24 -57.62
N GLN A 201 24.84 -16.61 -57.11
CA GLN A 201 23.84 -17.34 -56.34
C GLN A 201 22.45 -17.26 -56.96
N THR A 202 21.66 -18.27 -56.62
CA THR A 202 20.24 -18.36 -56.96
C THR A 202 19.42 -18.30 -55.67
N TYR A 203 18.38 -17.46 -55.66
CA TYR A 203 17.52 -17.28 -54.50
C TYR A 203 16.08 -17.55 -54.90
N ILE A 204 15.46 -18.53 -54.24
CA ILE A 204 14.07 -18.90 -54.49
C ILE A 204 13.29 -18.76 -53.20
N CYS A 205 12.14 -18.09 -53.26
CA CYS A 205 11.22 -17.98 -52.14
C CYS A 205 10.10 -18.99 -52.32
N ASN A 206 9.77 -19.71 -51.25
CA ASN A 206 8.70 -20.69 -51.24
C ASN A 206 7.54 -20.15 -50.42
N VAL A 207 6.39 -19.97 -51.08
CA VAL A 207 5.15 -19.54 -50.44
C VAL A 207 4.24 -20.76 -50.38
N ASN A 208 3.69 -21.04 -49.20
CA ASN A 208 2.80 -22.17 -49.01
C ASN A 208 1.56 -21.71 -48.26
N HIS A 209 0.40 -22.02 -48.82
CA HIS A 209 -0.90 -21.66 -48.25
C HIS A 209 -1.71 -22.94 -48.15
N LYS A 210 -1.91 -23.42 -46.91
CA LYS A 210 -2.56 -24.71 -46.73
C LYS A 210 -4.06 -24.66 -47.00
N PRO A 211 -4.83 -23.76 -46.41
CA PRO A 211 -6.29 -23.80 -46.62
C PRO A 211 -6.68 -23.85 -48.09
N SER A 212 -6.03 -23.05 -48.92
CA SER A 212 -6.24 -23.05 -50.35
C SER A 212 -5.42 -24.10 -51.08
N ASN A 213 -4.65 -24.92 -50.36
CA ASN A 213 -3.79 -25.95 -50.94
C ASN A 213 -3.01 -25.41 -52.13
N THR A 214 -2.53 -24.18 -51.98
CA THR A 214 -1.79 -23.48 -53.02
C THR A 214 -0.34 -23.33 -52.59
N LYS A 215 0.57 -23.96 -53.34
CA LYS A 215 2.00 -23.91 -53.06
C LYS A 215 2.71 -23.37 -54.29
N VAL A 216 3.39 -22.23 -54.13
CA VAL A 216 4.05 -21.55 -55.24
C VAL A 216 5.49 -21.27 -54.84
N ASP A 217 6.44 -21.70 -55.66
CA ASP A 217 7.84 -21.38 -55.50
C ASP A 217 8.25 -20.43 -56.61
N LYS A 218 8.98 -19.37 -56.27
CA LYS A 218 9.39 -18.36 -57.24
C LYS A 218 10.89 -18.11 -57.15
N LYS A 219 11.45 -17.69 -58.28
CA LYS A 219 12.86 -17.40 -58.41
C LYS A 219 13.04 -15.91 -58.64
N VAL A 220 13.88 -15.27 -57.82
CA VAL A 220 14.11 -13.83 -57.88
C VAL A 220 15.52 -13.62 -58.38
N GLU A 221 15.66 -13.05 -59.57
CA GLU A 221 16.96 -12.79 -60.18
C GLU A 221 16.97 -11.40 -60.78
N PRO A 222 18.12 -10.73 -60.82
CA PRO A 222 18.18 -9.37 -61.35
C PRO A 222 18.00 -9.36 -62.86
N LYS A 223 17.25 -8.36 -63.34
CA LYS A 223 17.01 -8.21 -64.77
C LYS A 223 17.33 -6.79 -65.22
N VAL B 2 20.44 19.45 16.28
CA VAL B 2 20.20 18.09 16.74
C VAL B 2 19.81 18.08 18.21
N GLN B 3 20.27 19.10 18.95
CA GLN B 3 19.95 19.25 20.37
C GLN B 3 18.97 20.39 20.53
N LEU B 4 17.92 20.16 21.33
CA LEU B 4 16.90 21.16 21.61
C LEU B 4 16.91 21.44 23.11
N GLN B 5 17.03 22.72 23.48
CA GLN B 5 17.11 23.10 24.88
C GLN B 5 15.86 23.88 25.27
N GLN B 6 15.01 23.29 26.09
CA GLN B 6 13.74 23.87 26.48
C GLN B 6 13.82 24.34 27.93
N TRP B 7 13.42 25.59 28.18
CA TRP B 7 13.33 26.10 29.53
C TRP B 7 12.04 26.89 29.68
N GLY B 8 11.45 26.81 30.87
CA GLY B 8 10.20 27.46 31.15
C GLY B 8 9.85 27.32 32.61
N ALA B 9 8.72 27.94 33.00
CA ALA B 9 8.25 27.93 34.37
C ALA B 9 7.30 26.75 34.56
N GLY B 10 7.69 25.82 35.43
CA GLY B 10 6.88 24.63 35.64
C GLY B 10 5.60 24.93 36.40
N LEU B 11 5.72 25.64 37.53
CA LEU B 11 4.60 25.88 38.42
C LEU B 11 3.97 27.23 38.10
N LEU B 12 2.65 27.24 37.94
CA LEU B 12 1.93 28.47 37.62
C LEU B 12 0.61 28.48 38.38
N LYS B 13 0.16 29.68 38.73
CA LYS B 13 -1.15 29.87 39.32
C LYS B 13 -2.20 30.04 38.23
N PRO B 14 -3.47 29.74 38.52
CA PRO B 14 -4.51 29.89 37.51
C PRO B 14 -4.55 31.29 36.93
N SER B 15 -4.91 31.37 35.65
CA SER B 15 -5.09 32.65 34.95
C SER B 15 -3.78 33.41 34.87
N GLU B 16 -2.67 32.70 34.67
CA GLU B 16 -1.37 33.33 34.49
C GLU B 16 -0.74 32.81 33.21
N THR B 17 -0.14 33.73 32.45
CA THR B 17 0.44 33.36 31.17
C THR B 17 1.58 32.37 31.35
N LEU B 18 1.61 31.37 30.48
CA LEU B 18 2.63 30.34 30.43
C LEU B 18 3.54 30.62 29.25
N SER B 19 4.81 30.92 29.54
CA SER B 19 5.81 31.22 28.51
C SER B 19 6.91 30.18 28.58
N LEU B 20 7.07 29.41 27.51
CA LEU B 20 8.13 28.43 27.37
C LEU B 20 9.01 28.81 26.20
N THR B 21 10.26 28.34 26.21
CA THR B 21 11.15 28.59 25.10
C THR B 21 11.97 27.35 24.80
N CYS B 22 12.29 27.18 23.52
CA CYS B 22 13.01 26.04 23.00
C CYS B 22 14.10 26.57 22.08
N ALA B 23 15.30 26.02 22.20
CA ALA B 23 16.49 26.50 21.51
C ALA B 23 17.02 25.43 20.58
N VAL B 24 17.50 25.88 19.41
CA VAL B 24 17.88 25.00 18.30
C VAL B 24 19.37 25.16 18.05
N TYR B 25 20.12 24.07 18.19
CA TYR B 25 21.50 24.02 17.79
C TYR B 25 21.71 23.29 16.46
N GLY B 26 20.63 22.87 15.80
CA GLY B 26 20.71 22.24 14.50
C GLY B 26 20.91 23.22 13.36
N GLY B 27 20.48 22.80 12.18
CA GLY B 27 20.71 23.56 10.96
C GLY B 27 20.21 24.99 10.97
N SER B 28 18.92 25.21 11.20
CA SER B 28 18.36 26.55 11.09
C SER B 28 16.86 26.48 11.33
N PHE B 29 16.26 27.65 11.59
CA PHE B 29 14.81 27.74 11.67
C PHE B 29 14.17 27.54 10.31
N THR B 30 14.85 27.95 9.24
CA THR B 30 14.25 27.87 7.91
C THR B 30 14.24 26.45 7.37
N THR B 31 15.16 25.59 7.83
CA THR B 31 15.24 24.25 7.28
C THR B 31 14.14 23.33 7.79
N THR B 32 13.73 23.49 9.05
CA THR B 32 12.76 22.59 9.66
C THR B 32 11.64 23.40 10.33
N TYR B 33 10.42 22.88 10.22
CA TYR B 33 9.27 23.46 10.89
C TYR B 33 9.26 23.05 12.36
N TRP B 34 8.62 23.87 13.19
CA TRP B 34 8.56 23.63 14.62
C TRP B 34 7.12 23.64 15.09
N ASN B 35 6.85 22.86 16.14
CA ASN B 35 5.52 22.77 16.72
C ASN B 35 5.64 22.40 18.19
N TRP B 36 4.61 22.79 18.95
CA TRP B 36 4.51 22.54 20.37
C TRP B 36 3.35 21.58 20.65
N ILE B 37 3.62 20.59 21.50
CA ILE B 37 2.63 19.61 21.93
C ILE B 37 2.62 19.55 23.45
N ARG B 38 1.52 19.03 24.00
CA ARG B 38 1.39 18.83 25.44
C ARG B 38 0.74 17.48 25.72
N GLN B 39 1.21 16.82 26.76
CA GLN B 39 0.61 15.57 27.21
C GLN B 39 0.01 15.77 28.60
N PRO B 40 -1.31 15.86 28.74
CA PRO B 40 -1.91 15.86 30.08
C PRO B 40 -1.61 14.54 30.78
N PRO B 41 -1.73 14.48 32.10
CA PRO B 41 -1.37 13.25 32.81
C PRO B 41 -2.32 12.13 32.44
N GLY B 42 -1.75 10.98 32.07
CA GLY B 42 -2.53 9.83 31.68
C GLY B 42 -3.58 10.13 30.63
N LYS B 43 -3.21 10.86 29.59
CA LYS B 43 -4.13 11.19 28.51
C LYS B 43 -3.37 11.23 27.19
N GLY B 44 -4.12 11.29 26.09
CA GLY B 44 -3.51 11.31 24.78
C GLY B 44 -2.79 12.61 24.49
N LEU B 45 -1.82 12.53 23.58
CA LEU B 45 -1.06 13.71 23.20
C LEU B 45 -1.95 14.70 22.45
N GLU B 46 -1.62 15.98 22.59
CA GLU B 46 -2.34 17.05 21.91
C GLU B 46 -1.33 17.98 21.26
N TRP B 47 -1.67 18.46 20.06
CA TRP B 47 -0.80 19.34 19.29
C TRP B 47 -1.25 20.77 19.51
N ILE B 48 -0.42 21.55 20.21
CA ILE B 48 -0.80 22.93 20.51
C ILE B 48 -0.63 23.82 19.29
N GLY B 49 0.52 23.76 18.65
CA GLY B 49 0.76 24.72 17.59
C GLY B 49 1.93 24.36 16.71
N GLU B 50 2.09 25.16 15.66
CA GLU B 50 3.20 25.11 14.73
C GLU B 50 3.52 26.53 14.33
N VAL B 51 4.79 26.82 14.06
CA VAL B 51 5.20 28.16 13.66
C VAL B 51 6.28 28.07 12.60
N ASN B 52 6.08 28.81 11.50
CA ASN B 52 7.11 28.98 10.50
C ASN B 52 8.08 30.08 10.92
N TYR B 53 9.29 30.02 10.37
CA TYR B 53 10.30 31.02 10.69
C TYR B 53 9.83 32.42 10.33
N SER B 54 8.96 32.55 9.33
CA SER B 54 8.47 33.86 8.91
C SER B 54 7.55 34.50 9.93
N GLY B 55 7.16 33.78 10.97
CA GLY B 55 6.27 34.26 12.01
C GLY B 55 4.83 33.81 11.88
N ASN B 56 4.41 33.40 10.68
CA ASN B 56 3.07 32.84 10.53
C ASN B 56 2.96 31.54 11.31
N ALA B 57 1.88 31.39 12.07
CA ALA B 57 1.70 30.24 12.95
C ALA B 57 0.32 29.64 12.77
N ASN B 58 0.24 28.33 13.02
CA ASN B 58 -0.99 27.56 12.91
C ASN B 58 -1.29 26.92 14.25
N TYR B 59 -2.45 27.22 14.81
CA TYR B 59 -2.78 26.78 16.15
C TYR B 59 -3.94 25.80 16.12
N ASN B 60 -3.99 24.93 17.13
CA ASN B 60 -5.11 24.03 17.27
C ASN B 60 -6.41 24.85 17.34
N PRO B 61 -7.46 24.43 16.64
CA PRO B 61 -8.66 25.29 16.55
C PRO B 61 -9.38 25.49 17.88
N SER B 62 -9.17 24.62 18.86
CA SER B 62 -9.89 24.76 20.12
C SER B 62 -9.41 25.98 20.90
N LEU B 63 -8.10 26.09 21.12
CA LEU B 63 -7.51 27.16 21.92
C LEU B 63 -6.93 28.30 21.06
N LYS B 64 -7.17 28.27 19.75
CA LYS B 64 -6.42 29.14 18.82
C LYS B 64 -6.32 30.57 19.33
N GLY B 65 -7.44 31.13 19.82
CA GLY B 65 -7.42 32.51 20.26
C GLY B 65 -6.51 32.72 21.46
N ARG B 66 -6.40 31.72 22.32
CA ARG B 66 -5.65 31.82 23.57
C ARG B 66 -4.15 31.67 23.36
N VAL B 67 -3.72 30.90 22.37
CA VAL B 67 -2.32 30.55 22.18
C VAL B 67 -1.69 31.48 21.16
N ALA B 68 -0.42 31.84 21.41
CA ALA B 68 0.39 32.57 20.45
C ALA B 68 1.82 32.05 20.50
N ILE B 69 2.40 31.75 19.33
CA ILE B 69 3.75 31.24 19.23
C ILE B 69 4.58 32.25 18.44
N SER B 70 5.78 32.54 18.93
CA SER B 70 6.68 33.51 18.29
C SER B 70 8.06 32.89 18.14
N VAL B 71 8.79 33.33 17.11
CA VAL B 71 10.11 32.79 16.81
C VAL B 71 11.10 33.92 16.66
N ASP B 72 12.30 33.69 17.19
CA ASP B 72 13.43 34.62 17.10
C ASP B 72 14.56 33.89 16.39
N THR B 73 14.86 34.32 15.17
CA THR B 73 15.87 33.66 14.34
C THR B 73 17.28 34.06 14.71
N SER B 74 17.48 35.31 15.15
CA SER B 74 18.82 35.78 15.47
C SER B 74 19.48 34.89 16.52
N LYS B 75 18.75 34.57 17.58
CA LYS B 75 19.28 33.76 18.68
C LYS B 75 18.93 32.28 18.52
N ASN B 76 18.23 31.90 17.46
CA ASN B 76 17.87 30.50 17.22
C ASN B 76 17.01 29.95 18.36
N GLN B 77 15.94 30.66 18.69
CA GLN B 77 15.05 30.23 19.76
C GLN B 77 13.61 30.58 19.42
N PHE B 78 12.68 29.67 19.72
CA PHE B 78 11.26 29.97 19.55
C PHE B 78 10.53 29.73 20.86
N SER B 79 9.47 30.49 21.07
CA SER B 79 8.76 30.56 22.34
C SER B 79 7.27 30.32 22.15
N LEU B 80 6.70 29.57 23.08
CA LEU B 80 5.27 29.28 23.14
C LEU B 80 4.66 30.11 24.27
N ARG B 81 3.56 30.80 23.97
CA ARG B 81 2.89 31.63 24.95
C ARG B 81 1.41 31.27 25.00
N LEU B 82 0.90 31.07 26.20
CA LEU B 82 -0.52 30.78 26.44
C LEU B 82 -1.00 31.71 27.54
N ASN B 83 -2.25 32.17 27.44
CA ASN B 83 -2.76 33.15 28.39
C ASN B 83 -4.06 32.65 29.01
N SER B 84 -4.37 33.20 30.19
CA SER B 84 -5.58 32.84 30.93
C SER B 84 -5.64 31.33 31.16
N VAL B 85 -4.56 30.80 31.75
CA VAL B 85 -4.45 29.37 31.97
C VAL B 85 -5.42 28.91 33.04
N THR B 86 -5.80 27.63 32.97
CA THR B 86 -6.68 27.01 33.95
C THR B 86 -6.16 25.61 34.25
N ALA B 87 -6.70 25.01 35.31
CA ALA B 87 -6.25 23.69 35.72
C ALA B 87 -6.29 22.69 34.57
N ALA B 88 -7.26 22.83 33.66
CA ALA B 88 -7.38 21.90 32.54
C ALA B 88 -6.14 21.90 31.65
N ASP B 89 -5.31 22.93 31.73
CA ASP B 89 -4.12 23.03 30.89
C ASP B 89 -2.91 22.32 31.51
N THR B 90 -3.07 21.71 32.68
CA THR B 90 -1.99 20.93 33.29
C THR B 90 -1.49 19.87 32.34
N ALA B 91 -0.18 19.83 32.10
CA ALA B 91 0.36 18.85 31.17
C ALA B 91 1.87 18.96 31.16
N ILE B 92 2.50 18.03 30.43
CA ILE B 92 3.94 18.04 30.18
C ILE B 92 4.14 18.52 28.76
N TYR B 93 4.81 19.67 28.59
CA TYR B 93 4.93 20.34 27.31
C TYR B 93 6.23 19.95 26.62
N TYR B 94 6.13 19.52 25.36
CA TYR B 94 7.27 19.14 24.55
C TYR B 94 7.35 20.05 23.33
N CYS B 95 8.56 20.53 23.04
CA CYS B 95 8.83 21.31 21.84
C CYS B 95 9.51 20.41 20.81
N THR B 96 8.84 20.20 19.68
CA THR B 96 9.25 19.22 18.70
C THR B 96 9.27 19.83 17.31
N SER B 97 9.86 19.12 16.37
CA SER B 97 9.84 19.48 14.96
C SER B 97 9.00 18.45 14.21
N ARG B 98 8.09 18.93 13.36
CA ARG B 98 7.23 18.02 12.62
C ARG B 98 8.05 17.16 11.67
N ILE B 99 7.51 15.97 11.37
CA ILE B 99 8.27 14.97 10.62
C ILE B 99 8.62 15.48 9.24
N ARG B 100 9.85 15.18 8.81
CA ARG B 100 10.35 15.60 7.50
C ARG B 100 9.74 14.77 6.37
N SER B 101 9.87 13.46 6.44
CA SER B 101 9.27 12.53 5.47
C SER B 101 9.63 12.87 4.03
N HIS B 102 10.93 12.97 3.76
CA HIS B 102 11.41 13.05 2.39
C HIS B 102 12.81 12.47 2.32
N ILE B 103 13.13 11.87 1.17
CA ILE B 103 14.43 11.21 1.00
C ILE B 103 15.56 12.23 1.01
N ALA B 104 15.30 13.45 0.53
CA ALA B 104 16.36 14.42 0.31
C ALA B 104 16.96 14.92 1.62
N TYR B 105 16.17 14.97 2.68
CA TYR B 105 16.66 15.51 3.95
C TYR B 105 17.90 14.75 4.40
N SER B 106 18.79 15.47 5.09
CA SER B 106 19.98 14.82 5.65
C SER B 106 19.62 13.94 6.83
N TRP B 107 18.83 14.45 7.76
CA TRP B 107 18.39 13.68 8.92
C TRP B 107 16.87 13.56 8.91
N LYS B 108 16.39 12.39 9.31
CA LYS B 108 15.04 11.94 9.06
C LYS B 108 14.17 12.08 10.30
N GLY B 109 12.89 12.36 10.08
CA GLY B 109 11.91 12.24 11.15
C GLY B 109 11.89 13.44 12.07
N ASP B 110 11.61 13.16 13.34
CA ASP B 110 11.43 14.19 14.35
C ASP B 110 12.31 13.91 15.55
N VAL B 111 12.74 14.99 16.21
CA VAL B 111 13.50 14.93 17.46
C VAL B 111 13.05 16.10 18.31
N TRP B 112 12.98 15.89 19.62
CA TRP B 112 12.54 16.96 20.51
C TRP B 112 13.27 16.85 21.84
N GLY B 113 13.31 17.96 22.56
CA GLY B 113 13.99 18.05 23.82
C GLY B 113 13.18 17.48 24.96
N LYS B 114 13.69 17.70 26.17
CA LYS B 114 13.06 17.18 27.37
C LYS B 114 11.82 17.99 27.71
N GLY B 115 10.74 17.28 28.03
CA GLY B 115 9.51 17.96 28.34
C GLY B 115 9.60 18.78 29.62
N THR B 116 8.78 19.82 29.68
CA THR B 116 8.67 20.66 30.86
C THR B 116 7.36 20.33 31.55
N THR B 117 7.45 19.86 32.79
CA THR B 117 6.24 19.54 33.54
C THR B 117 5.57 20.83 34.01
N VAL B 118 4.32 21.02 33.60
CA VAL B 118 3.55 22.21 33.93
C VAL B 118 2.34 21.79 34.76
N THR B 119 2.32 22.26 36.01
CA THR B 119 1.23 21.99 36.94
C THR B 119 0.57 23.31 37.30
N VAL B 120 -0.71 23.45 36.99
CA VAL B 120 -1.48 24.66 37.28
C VAL B 120 -2.42 24.34 38.44
N SER B 121 -2.14 24.94 39.60
CA SER B 121 -2.95 24.75 40.78
C SER B 121 -2.90 26.02 41.60
N SER B 122 -4.04 26.37 42.23
CA SER B 122 -4.08 27.57 43.05
C SER B 122 -3.36 27.37 44.37
N ALA B 123 -3.44 26.17 44.94
CA ALA B 123 -2.85 25.92 46.25
C ALA B 123 -1.33 26.02 46.19
N SER B 124 -0.74 26.59 47.24
CA SER B 124 0.71 26.73 47.34
C SER B 124 1.31 25.52 48.06
N THR B 125 2.62 25.57 48.25
CA THR B 125 3.34 24.45 48.86
C THR B 125 2.78 24.14 50.24
N LYS B 126 2.64 22.84 50.52
CA LYS B 126 2.22 22.36 51.83
C LYS B 126 2.88 21.02 52.09
N GLY B 127 3.15 20.75 53.37
CA GLY B 127 3.76 19.50 53.75
C GLY B 127 2.72 18.40 53.89
N PRO B 128 3.10 17.16 53.57
CA PRO B 128 2.14 16.06 53.63
C PRO B 128 1.78 15.68 55.05
N SER B 129 0.57 15.14 55.21
CA SER B 129 0.16 14.51 56.46
C SER B 129 0.27 12.99 56.27
N VAL B 130 0.99 12.34 57.18
CA VAL B 130 1.27 10.91 57.09
C VAL B 130 0.48 10.19 58.18
N PHE B 131 -0.42 9.30 57.77
CA PHE B 131 -1.21 8.51 58.68
C PHE B 131 -0.97 7.02 58.43
N PRO B 132 -0.79 6.21 59.48
CA PRO B 132 -0.54 4.78 59.25
C PRO B 132 -1.80 4.00 58.92
N LEU B 133 -1.61 2.91 58.18
CA LEU B 133 -2.70 1.99 57.88
C LEU B 133 -2.42 0.69 58.63
N ALA B 134 -3.23 0.44 59.64
CA ALA B 134 -3.01 -0.65 60.60
C ALA B 134 -3.24 -2.02 59.98
N PRO B 135 -2.32 -2.98 60.14
CA PRO B 135 -2.61 -4.33 59.68
C PRO B 135 -3.64 -5.00 60.60
N SER B 136 -4.52 -5.79 60.01
CA SER B 136 -5.55 -6.46 60.78
C SER B 136 -4.99 -7.69 61.49
N SER B 139 -6.56 -11.02 61.46
CA SER B 139 -5.88 -11.48 60.26
C SER B 139 -5.88 -13.00 60.18
N THR B 140 -5.69 -13.53 58.98
CA THR B 140 -5.57 -14.97 58.79
C THR B 140 -4.20 -15.44 59.26
N SER B 141 -4.18 -16.43 60.15
CA SER B 141 -2.91 -16.96 60.64
C SER B 141 -2.18 -17.69 59.54
N GLY B 142 -0.88 -17.46 59.44
CA GLY B 142 -0.10 -18.08 58.38
C GLY B 142 -0.53 -17.67 57.00
N GLY B 143 -0.91 -16.41 56.83
CA GLY B 143 -1.42 -15.93 55.56
C GLY B 143 -1.05 -14.48 55.32
N THR B 144 -1.34 -14.01 54.11
CA THR B 144 -0.95 -12.67 53.71
C THR B 144 -1.53 -11.63 54.66
N ALA B 145 -0.70 -10.68 55.07
CA ALA B 145 -1.14 -9.53 55.83
C ALA B 145 -0.67 -8.26 55.13
N ALA B 146 -1.50 -7.22 55.17
CA ALA B 146 -1.21 -5.97 54.47
C ALA B 146 -1.17 -4.82 55.46
N LEU B 147 -0.18 -3.96 55.33
CA LEU B 147 -0.09 -2.73 56.11
C LEU B 147 0.24 -1.58 55.17
N GLY B 148 0.02 -0.35 55.64
CA GLY B 148 0.15 0.77 54.74
C GLY B 148 0.59 2.06 55.39
N CYS B 149 0.95 3.02 54.54
CA CYS B 149 1.16 4.40 54.94
C CYS B 149 0.40 5.30 53.98
N LEU B 150 -0.23 6.34 54.53
CA LEU B 150 -1.10 7.24 53.80
C LEU B 150 -0.50 8.64 53.81
N VAL B 151 -0.29 9.21 52.62
CA VAL B 151 0.16 10.58 52.46
C VAL B 151 -1.02 11.38 51.96
N LYS B 152 -1.27 12.54 52.56
CA LYS B 152 -2.49 13.29 52.26
C LYS B 152 -2.22 14.79 52.29
N ASP B 153 -2.94 15.51 51.43
CA ASP B 153 -2.99 16.97 51.44
C ASP B 153 -1.60 17.58 51.29
N TYR B 154 -0.93 17.20 50.21
CA TYR B 154 0.43 17.66 49.94
C TYR B 154 0.52 18.26 48.55
N PHE B 155 1.22 19.38 48.44
CA PHE B 155 1.50 20.02 47.15
C PHE B 155 2.89 20.65 47.25
N PRO B 156 3.65 20.64 46.14
CA PRO B 156 3.39 20.09 44.80
C PRO B 156 3.39 18.57 44.71
N GLU B 157 3.35 18.05 43.48
CA GLU B 157 3.16 16.62 43.29
C GLU B 157 4.34 15.81 43.82
N PRO B 158 5.60 16.14 43.56
CA PRO B 158 6.69 15.21 43.88
C PRO B 158 6.72 14.82 45.35
N VAL B 159 6.72 13.51 45.58
CA VAL B 159 6.92 12.93 46.91
C VAL B 159 7.50 11.54 46.70
N THR B 160 8.28 11.07 47.66
CA THR B 160 8.83 9.72 47.56
C THR B 160 8.62 8.97 48.87
N VAL B 161 8.18 7.71 48.74
CA VAL B 161 7.89 6.84 49.86
C VAL B 161 8.72 5.59 49.70
N SER B 162 9.39 5.17 50.77
CA SER B 162 10.18 3.94 50.74
C SER B 162 10.13 3.29 52.11
N TRP B 163 10.03 1.96 52.14
CA TRP B 163 9.80 1.23 53.37
C TRP B 163 11.13 0.76 53.94
N ASN B 164 11.34 1.01 55.24
CA ASN B 164 12.58 0.66 55.92
C ASN B 164 13.79 1.27 55.21
N SER B 165 13.61 2.50 54.73
CA SER B 165 14.69 3.23 54.04
C SER B 165 15.14 2.48 52.79
N GLY B 166 14.17 1.97 52.03
CA GLY B 166 14.46 1.18 50.86
C GLY B 166 14.87 -0.25 51.14
N ALA B 167 15.06 -0.61 52.41
CA ALA B 167 15.46 -1.98 52.73
C ALA B 167 14.41 -2.99 52.30
N LEU B 168 13.14 -2.58 52.30
CA LEU B 168 12.06 -3.46 51.85
C LEU B 168 11.68 -3.00 50.44
N THR B 169 12.17 -3.71 49.43
CA THR B 169 11.84 -3.42 48.04
C THR B 169 10.79 -4.37 47.45
N SER B 170 10.45 -5.45 48.14
CA SER B 170 9.63 -6.51 47.58
C SER B 170 8.23 -6.47 48.16
N GLY B 171 7.24 -6.75 47.30
CA GLY B 171 5.85 -6.68 47.72
C GLY B 171 5.40 -5.30 48.11
N VAL B 172 6.06 -4.26 47.61
CA VAL B 172 5.75 -2.88 47.93
C VAL B 172 5.07 -2.25 46.73
N HIS B 173 3.87 -1.71 46.93
CA HIS B 173 3.12 -1.02 45.90
C HIS B 173 2.97 0.43 46.32
N THR B 174 3.59 1.33 45.58
CA THR B 174 3.48 2.78 45.80
C THR B 174 2.65 3.36 44.67
N PHE B 175 1.50 3.90 45.00
CA PHE B 175 0.52 4.27 44.00
C PHE B 175 0.76 5.69 43.49
N PRO B 176 0.35 5.98 42.26
CA PRO B 176 0.49 7.35 41.75
C PRO B 176 -0.38 8.33 42.53
N ALA B 177 0.01 9.60 42.48
CA ALA B 177 -0.72 10.63 43.20
C ALA B 177 -2.05 10.93 42.52
N VAL B 178 -3.05 11.27 43.34
CA VAL B 178 -4.37 11.64 42.87
C VAL B 178 -4.71 13.03 43.42
N LEU B 179 -5.18 13.90 42.53
CA LEU B 179 -5.51 15.27 42.90
C LEU B 179 -6.93 15.33 43.48
N GLN B 180 -7.05 15.84 44.70
CA GLN B 180 -8.34 15.92 45.36
C GLN B 180 -9.11 17.14 44.87
N SER B 181 -10.34 17.29 45.37
CA SER B 181 -11.17 18.43 44.96
C SER B 181 -10.53 19.75 45.36
N SER B 182 -9.98 19.82 46.57
CA SER B 182 -9.39 21.05 47.08
C SER B 182 -8.22 21.53 46.23
N GLY B 183 -7.58 20.64 45.48
CA GLY B 183 -6.39 20.97 44.73
C GLY B 183 -5.11 20.41 45.33
N LEU B 184 -5.18 19.66 46.42
CA LEU B 184 -4.02 19.05 47.03
C LEU B 184 -4.01 17.56 46.73
N TYR B 185 -2.82 17.00 46.57
CA TYR B 185 -2.67 15.61 46.19
C TYR B 185 -2.84 14.69 47.40
N SER B 186 -3.29 13.47 47.11
CA SER B 186 -3.39 12.40 48.10
C SER B 186 -2.82 11.14 47.48
N LEU B 187 -1.93 10.48 48.22
CA LEU B 187 -1.23 9.30 47.74
C LEU B 187 -1.23 8.25 48.84
N SER B 188 -1.08 7.00 48.45
CA SER B 188 -1.05 5.90 49.40
C SER B 188 0.01 4.89 48.97
N SER B 189 0.64 4.28 49.96
CA SER B 189 1.62 3.23 49.75
C SER B 189 1.24 2.04 50.63
N VAL B 190 1.41 0.83 50.10
CA VAL B 190 0.99 -0.37 50.82
C VAL B 190 2.04 -1.45 50.60
N VAL B 191 2.16 -2.34 51.60
CA VAL B 191 3.06 -3.48 51.52
C VAL B 191 2.35 -4.70 52.07
N THR B 192 2.66 -5.85 51.49
CA THR B 192 2.18 -7.14 51.96
C THR B 192 3.35 -7.90 52.56
N VAL B 193 3.12 -8.48 53.74
CA VAL B 193 4.13 -9.27 54.43
C VAL B 193 3.43 -10.44 55.12
N PRO B 194 4.17 -11.50 55.44
CA PRO B 194 3.55 -12.62 56.14
C PRO B 194 3.15 -12.22 57.55
N SER B 195 1.94 -12.62 57.94
CA SER B 195 1.44 -12.22 59.25
C SER B 195 2.38 -12.68 60.36
N SER B 196 2.99 -13.85 60.21
CA SER B 196 3.93 -14.34 61.21
C SER B 196 5.07 -13.36 61.41
N SER B 197 5.41 -12.59 60.38
CA SER B 197 6.52 -11.65 60.48
C SER B 197 6.22 -10.46 61.37
N LEU B 198 4.93 -10.15 61.57
CA LEU B 198 4.57 -8.91 62.26
C LEU B 198 5.22 -8.84 63.63
N GLY B 199 5.09 -9.90 64.42
CA GLY B 199 5.75 -9.92 65.72
C GLY B 199 7.26 -9.91 65.63
N THR B 200 7.83 -10.60 64.62
CA THR B 200 9.28 -10.68 64.50
C THR B 200 9.88 -9.41 63.91
N GLN B 201 9.14 -8.70 63.07
CA GLN B 201 9.69 -7.66 62.22
C GLN B 201 9.09 -6.30 62.56
N THR B 202 9.86 -5.26 62.29
CA THR B 202 9.42 -3.88 62.43
C THR B 202 9.35 -3.25 61.05
N TYR B 203 8.24 -2.58 60.75
CA TYR B 203 8.04 -1.94 59.45
C TYR B 203 7.78 -0.46 59.67
N ILE B 204 8.68 0.37 59.15
CA ILE B 204 8.56 1.81 59.20
C ILE B 204 8.61 2.33 57.76
N CYS B 205 7.70 3.22 57.42
CA CYS B 205 7.70 3.87 56.12
C CYS B 205 8.38 5.23 56.26
N ASN B 206 9.27 5.52 55.31
CA ASN B 206 10.01 6.76 55.25
C ASN B 206 9.44 7.60 54.11
N VAL B 207 8.90 8.76 54.45
CA VAL B 207 8.32 9.70 53.51
C VAL B 207 9.25 10.89 53.39
N ASN B 208 9.57 11.27 52.14
CA ASN B 208 10.44 12.40 51.86
C ASN B 208 9.76 13.30 50.83
N HIS B 209 9.64 14.59 51.17
CA HIS B 209 9.00 15.60 50.33
C HIS B 209 9.96 16.77 50.20
N LYS B 210 10.51 16.97 48.99
CA LYS B 210 11.53 18.00 48.81
C LYS B 210 10.96 19.41 48.84
N PRO B 211 9.92 19.77 48.08
CA PRO B 211 9.51 21.18 48.03
C PRO B 211 9.28 21.83 49.38
N SER B 212 8.59 21.16 50.29
CA SER B 212 8.38 21.66 51.63
C SER B 212 9.53 21.30 52.58
N ASN B 213 10.54 20.58 52.09
CA ASN B 213 11.64 20.12 52.92
C ASN B 213 11.14 19.30 54.10
N THR B 214 10.05 18.57 53.90
CA THR B 214 9.41 17.79 54.96
C THR B 214 9.81 16.32 54.80
N LYS B 215 10.57 15.81 55.76
CA LYS B 215 11.01 14.42 55.76
C LYS B 215 10.57 13.79 57.07
N VAL B 216 9.66 12.82 57.01
CA VAL B 216 9.09 12.24 58.21
C VAL B 216 9.04 10.72 58.03
N ASP B 217 9.13 10.01 59.15
CA ASP B 217 9.11 8.56 59.16
C ASP B 217 8.09 8.08 60.19
N LYS B 218 7.29 7.08 59.82
CA LYS B 218 6.25 6.57 60.71
C LYS B 218 6.38 5.06 60.82
N LYS B 219 5.93 4.53 61.95
CA LYS B 219 6.00 3.11 62.24
C LYS B 219 4.58 2.53 62.28
N VAL B 220 4.36 1.44 61.56
CA VAL B 220 3.04 0.84 61.41
C VAL B 220 3.02 -0.45 62.23
N GLU B 221 2.20 -0.46 63.27
CA GLU B 221 2.06 -1.61 64.15
C GLU B 221 0.59 -1.84 64.45
N PRO B 222 0.17 -3.11 64.64
CA PRO B 222 -1.24 -3.41 64.90
C PRO B 222 -1.70 -2.96 66.28
N GLU C 1 -17.77 1.93 -14.48
CA GLU C 1 -16.60 1.75 -15.39
C GLU C 1 -15.38 2.46 -14.81
N ILE C 2 -14.28 1.72 -14.72
CA ILE C 2 -13.01 2.24 -14.22
C ILE C 2 -12.02 2.18 -15.38
N VAL C 3 -11.65 3.35 -15.88
CA VAL C 3 -10.67 3.44 -16.97
C VAL C 3 -9.27 3.20 -16.40
N MET C 4 -8.47 2.45 -17.14
CA MET C 4 -7.14 2.03 -16.69
C MET C 4 -6.10 2.72 -17.57
N THR C 5 -5.20 3.46 -16.94
CA THR C 5 -4.13 4.15 -17.64
C THR C 5 -2.80 3.52 -17.22
N GLN C 6 -2.16 2.84 -18.15
CA GLN C 6 -0.83 2.28 -17.92
C GLN C 6 0.21 3.26 -18.42
N SER C 7 1.32 3.35 -17.70
CA SER C 7 2.40 4.24 -18.09
C SER C 7 3.76 3.60 -17.86
N PRO C 8 4.76 4.00 -18.68
CA PRO C 8 4.67 4.96 -19.79
C PRO C 8 3.97 4.47 -21.06
N GLY C 9 3.82 3.17 -21.21
CA GLY C 9 3.22 2.57 -22.39
C GLY C 9 4.24 1.94 -23.33
N THR C 10 5.48 2.41 -23.30
CA THR C 10 6.60 1.71 -23.92
C THR C 10 7.78 1.85 -22.96
N LEU C 11 8.38 0.73 -22.59
CA LEU C 11 9.48 0.71 -21.65
C LEU C 11 10.68 0.06 -22.31
N SER C 12 11.76 0.82 -22.47
CA SER C 12 12.99 0.35 -23.12
C SER C 12 14.05 0.20 -22.05
N LEU C 13 14.45 -1.04 -21.78
CA LEU C 13 15.42 -1.34 -20.73
C LEU C 13 16.40 -2.38 -21.25
N SER C 14 17.37 -2.72 -20.43
CA SER C 14 18.42 -3.68 -20.77
C SER C 14 18.53 -4.72 -19.67
N PRO C 15 19.06 -5.91 -19.99
CA PRO C 15 19.23 -6.93 -18.96
C PRO C 15 20.03 -6.41 -17.77
N GLY C 16 19.56 -6.72 -16.57
CA GLY C 16 20.18 -6.27 -15.34
C GLY C 16 19.50 -5.09 -14.67
N GLU C 17 18.73 -4.31 -15.43
CA GLU C 17 18.12 -3.10 -14.89
C GLU C 17 16.85 -3.46 -14.12
N ARG C 18 16.19 -2.43 -13.61
CA ARG C 18 14.96 -2.58 -12.84
C ARG C 18 13.82 -1.97 -13.63
N ALA C 19 12.71 -2.71 -13.75
CA ALA C 19 11.57 -2.26 -14.53
C ALA C 19 10.42 -1.88 -13.61
N THR C 20 9.85 -0.70 -13.86
CA THR C 20 8.70 -0.21 -13.11
C THR C 20 7.59 0.15 -14.08
N LEU C 21 6.47 -0.57 -14.00
CA LEU C 21 5.30 -0.32 -14.82
C LEU C 21 4.19 0.23 -13.93
N SER C 22 3.48 1.25 -14.41
CA SER C 22 2.45 1.90 -13.60
C SER C 22 1.06 1.64 -14.18
N CYS C 23 0.09 1.45 -13.30
CA CYS C 23 -1.30 1.27 -13.68
C CYS C 23 -2.16 2.10 -12.75
N ARG C 24 -2.99 2.97 -13.33
CA ARG C 24 -3.77 3.93 -12.57
C ARG C 24 -5.25 3.76 -12.88
N ALA C 25 -6.08 3.84 -11.85
CA ALA C 25 -7.52 3.62 -11.96
C ALA C 25 -8.26 4.95 -11.99
N SER C 26 -9.22 5.06 -12.90
CA SER C 26 -10.03 6.28 -13.00
C SER C 26 -10.82 6.51 -11.72
N GLN C 27 -11.30 5.45 -11.09
CA GLN C 27 -12.10 5.53 -9.88
C GLN C 27 -11.47 4.64 -8.83
N SER C 28 -11.93 4.79 -7.59
CA SER C 28 -11.40 3.97 -6.51
C SER C 28 -11.75 2.51 -6.75
N VAL C 29 -10.84 1.61 -6.38
CA VAL C 29 -11.09 0.18 -6.38
C VAL C 29 -11.25 -0.26 -4.93
N PRO C 30 -12.48 -0.54 -4.48
CA PRO C 30 -12.67 -0.84 -3.04
C PRO C 30 -11.97 -2.10 -2.56
N ARG C 31 -12.09 -3.20 -3.30
CA ARG C 31 -11.66 -4.50 -2.82
C ARG C 31 -10.22 -4.83 -3.21
N ASN C 32 -9.49 -3.90 -3.81
CA ASN C 32 -8.13 -4.14 -4.27
C ASN C 32 -8.05 -5.39 -5.13
N TYR C 33 -8.95 -5.46 -6.11
CA TYR C 33 -9.00 -6.56 -7.07
C TYR C 33 -8.31 -6.08 -8.34
N ILE C 34 -7.12 -6.61 -8.59
CA ILE C 34 -6.30 -6.20 -9.72
C ILE C 34 -5.46 -7.40 -10.14
N GLY C 35 -5.05 -7.41 -11.39
CA GLY C 35 -4.17 -8.46 -11.90
C GLY C 35 -3.28 -7.91 -12.99
N TRP C 36 -2.20 -8.64 -13.25
CA TRP C 36 -1.25 -8.27 -14.29
C TRP C 36 -0.99 -9.47 -15.17
N PHE C 37 -1.09 -9.26 -16.48
CA PHE C 37 -0.93 -10.30 -17.48
C PHE C 37 0.32 -10.05 -18.31
N GLN C 38 1.06 -11.12 -18.54
CA GLN C 38 2.22 -11.11 -19.44
C GLN C 38 1.81 -11.78 -20.74
N GLN C 39 2.05 -11.10 -21.87
CA GLN C 39 1.72 -11.63 -23.17
C GLN C 39 2.91 -11.46 -24.09
N LYS C 40 3.45 -12.60 -24.58
CA LYS C 40 4.50 -12.65 -25.58
C LYS C 40 3.87 -12.68 -26.97
N PRO C 41 4.57 -12.19 -27.99
CA PRO C 41 3.97 -12.12 -29.33
C PRO C 41 3.56 -13.50 -29.82
N GLY C 42 2.32 -13.59 -30.32
CA GLY C 42 1.81 -14.84 -30.85
C GLY C 42 1.45 -15.88 -29.81
N GLN C 43 1.64 -15.59 -28.53
CA GLN C 43 1.37 -16.53 -27.45
C GLN C 43 0.23 -16.01 -26.58
N ALA C 44 -0.48 -16.93 -25.95
CA ALA C 44 -1.59 -16.55 -25.10
C ALA C 44 -1.07 -15.79 -23.87
N PRO C 45 -1.88 -14.90 -23.29
CA PRO C 45 -1.43 -14.20 -22.08
C PRO C 45 -1.33 -15.15 -20.90
N ARG C 46 -0.37 -14.87 -20.02
CA ARG C 46 -0.25 -15.57 -18.75
C ARG C 46 -0.44 -14.58 -17.62
N LEU C 47 -1.37 -14.87 -16.71
CA LEU C 47 -1.54 -14.04 -15.53
C LEU C 47 -0.30 -14.15 -14.65
N LEU C 48 0.16 -13.01 -14.14
CA LEU C 48 1.43 -12.94 -13.43
C LEU C 48 1.23 -12.67 -11.94
N ILE C 49 0.69 -11.51 -11.57
CA ILE C 49 0.29 -11.24 -10.19
C ILE C 49 -1.22 -11.06 -10.18
N TYR C 50 -1.84 -11.43 -9.06
CA TYR C 50 -3.27 -11.21 -8.85
C TYR C 50 -3.47 -10.48 -7.54
N GLY C 51 -4.65 -9.88 -7.40
CA GLY C 51 -4.81 -8.97 -6.28
C GLY C 51 -3.80 -7.86 -6.39
N ALA C 52 -3.39 -7.33 -5.23
CA ALA C 52 -2.35 -6.30 -5.22
C ALA C 52 -0.97 -6.95 -5.23
N SER C 53 -0.59 -7.61 -4.14
CA SER C 53 0.77 -8.10 -3.95
C SER C 53 0.94 -9.59 -4.27
N SER C 54 -0.12 -10.30 -4.62
CA SER C 54 -0.06 -11.76 -4.70
C SER C 54 0.50 -12.21 -6.06
N ARG C 55 1.53 -13.04 -6.02
CA ARG C 55 2.16 -13.57 -7.22
C ARG C 55 1.57 -14.92 -7.59
N ALA C 56 1.28 -15.09 -8.87
CA ALA C 56 0.74 -16.35 -9.35
C ALA C 56 1.81 -17.43 -9.32
N ALA C 57 1.36 -18.67 -9.18
CA ALA C 57 2.31 -19.79 -9.13
C ALA C 57 3.02 -19.95 -10.46
N GLY C 58 4.28 -20.33 -10.40
CA GLY C 58 5.08 -20.57 -11.58
C GLY C 58 5.98 -19.43 -12.01
N PHE C 59 6.03 -18.33 -11.24
CA PHE C 59 6.89 -17.22 -11.60
C PHE C 59 7.88 -16.92 -10.48
N PRO C 60 9.10 -16.51 -10.83
CA PRO C 60 10.09 -16.18 -9.79
C PRO C 60 9.70 -14.96 -8.96
N ASP C 61 10.38 -14.83 -7.82
CA ASP C 61 10.12 -13.77 -6.85
C ASP C 61 10.54 -12.39 -7.35
N ARG C 62 11.29 -12.30 -8.45
CA ARG C 62 11.71 -11.00 -8.95
C ARG C 62 10.53 -10.16 -9.43
N PHE C 63 9.39 -10.78 -9.73
CA PHE C 63 8.17 -10.05 -10.05
C PHE C 63 7.41 -9.75 -8.76
N SER C 64 7.17 -8.48 -8.49
CA SER C 64 6.43 -8.08 -7.30
C SER C 64 5.51 -6.92 -7.61
N GLY C 65 4.25 -7.05 -7.21
CA GLY C 65 3.29 -5.97 -7.32
C GLY C 65 3.16 -5.21 -6.00
N SER C 66 2.69 -3.97 -6.10
CA SER C 66 2.44 -3.17 -4.91
C SER C 66 1.47 -2.06 -5.29
N GLY C 67 0.88 -1.44 -4.28
CA GLY C 67 -0.01 -0.31 -4.46
C GLY C 67 -1.41 -0.61 -3.95
N SER C 68 -2.22 0.45 -3.92
CA SER C 68 -3.56 0.36 -3.38
C SER C 68 -4.41 1.49 -3.94
N GLY C 69 -5.71 1.36 -3.74
CA GLY C 69 -6.63 2.44 -4.07
C GLY C 69 -6.52 2.79 -5.54
N THR C 70 -6.20 4.05 -5.81
CA THR C 70 -6.18 4.53 -7.18
C THR C 70 -4.92 4.14 -7.94
N ASP C 71 -3.83 3.82 -7.24
CA ASP C 71 -2.54 3.64 -7.89
C ASP C 71 -1.99 2.24 -7.63
N PHE C 72 -1.49 1.61 -8.68
CA PHE C 72 -0.86 0.30 -8.58
C PHE C 72 0.40 0.30 -9.45
N THR C 73 1.35 -0.54 -9.06
CA THR C 73 2.65 -0.61 -9.71
C THR C 73 3.12 -2.05 -9.74
N LEU C 74 3.74 -2.43 -10.86
CA LEU C 74 4.39 -3.73 -11.01
C LEU C 74 5.88 -3.52 -11.20
N THR C 75 6.67 -4.23 -10.42
CA THR C 75 8.12 -4.11 -10.42
C THR C 75 8.75 -5.43 -10.83
N ILE C 76 9.71 -5.36 -11.75
CA ILE C 76 10.47 -6.52 -12.19
C ILE C 76 11.93 -6.27 -11.83
N THR C 77 12.47 -7.14 -11.00
CA THR C 77 13.83 -7.04 -10.47
C THR C 77 14.78 -7.93 -11.26
N ARG C 78 15.98 -7.41 -11.53
CA ARG C 78 17.00 -8.14 -12.27
C ARG C 78 16.37 -8.87 -13.45
N LEU C 79 15.85 -8.11 -14.41
CA LEU C 79 15.12 -8.70 -15.52
C LEU C 79 16.05 -9.48 -16.43
N GLU C 80 15.68 -10.74 -16.70
CA GLU C 80 16.33 -11.55 -17.71
C GLU C 80 15.66 -11.35 -19.06
N PRO C 81 16.34 -11.72 -20.15
CA PRO C 81 15.74 -11.49 -21.48
C PRO C 81 14.34 -12.04 -21.66
N GLU C 82 13.99 -13.12 -20.95
CA GLU C 82 12.69 -13.75 -21.14
C GLU C 82 11.53 -12.91 -20.63
N ASP C 83 11.80 -11.88 -19.84
CA ASP C 83 10.74 -11.07 -19.26
C ASP C 83 10.12 -10.09 -20.25
N PHE C 84 10.81 -9.77 -21.34
CA PHE C 84 10.32 -8.73 -22.24
C PHE C 84 9.08 -9.22 -22.96
N ALA C 85 7.98 -8.48 -22.78
CA ALA C 85 6.68 -8.82 -23.36
C ALA C 85 5.77 -7.63 -23.10
N MET C 86 4.51 -7.75 -23.51
CA MET C 86 3.52 -6.72 -23.21
C MET C 86 2.77 -7.09 -21.94
N TYR C 87 2.53 -6.09 -21.09
CA TYR C 87 1.93 -6.31 -19.78
C TYR C 87 0.64 -5.51 -19.67
N TYR C 88 -0.44 -6.18 -19.28
CA TYR C 88 -1.75 -5.55 -19.10
C TYR C 88 -2.15 -5.58 -17.63
N CYS C 89 -2.82 -4.53 -17.17
CA CYS C 89 -3.40 -4.52 -15.83
C CYS C 89 -4.92 -4.58 -15.93
N HIS C 90 -5.52 -5.46 -15.13
CA HIS C 90 -6.93 -5.79 -15.20
C HIS C 90 -7.57 -5.56 -13.84
N GLN C 91 -8.86 -5.18 -13.85
CA GLN C 91 -9.60 -4.94 -12.62
C GLN C 91 -10.89 -5.74 -12.64
N TYR C 92 -11.03 -6.68 -11.70
CA TYR C 92 -12.25 -7.45 -11.56
C TYR C 92 -13.15 -6.99 -10.42
N ASP C 93 -12.81 -5.90 -9.71
CA ASP C 93 -13.60 -5.49 -8.55
C ASP C 93 -15.02 -5.10 -8.92
N ARG C 94 -15.18 -4.10 -9.78
CA ARG C 94 -16.45 -3.44 -10.00
C ARG C 94 -16.82 -3.50 -11.47
N LEU C 95 -18.07 -3.86 -11.75
CA LEU C 95 -18.57 -3.95 -13.11
C LEU C 95 -18.68 -2.56 -13.73
N PRO C 96 -18.45 -2.45 -15.06
CA PRO C 96 -17.96 -3.47 -15.99
C PRO C 96 -16.46 -3.66 -15.87
N TYR C 97 -15.98 -4.85 -16.22
CA TYR C 97 -14.55 -5.12 -16.19
C TYR C 97 -13.83 -4.38 -17.30
N THR C 98 -12.58 -4.02 -17.04
CA THR C 98 -11.78 -3.26 -18.00
C THR C 98 -10.34 -3.71 -17.93
N PHE C 99 -9.63 -3.54 -19.05
CA PHE C 99 -8.20 -3.83 -19.15
C PHE C 99 -7.45 -2.57 -19.49
N GLY C 100 -6.18 -2.52 -19.07
CA GLY C 100 -5.34 -1.40 -19.43
C GLY C 100 -4.95 -1.42 -20.90
N GLN C 101 -4.60 -0.24 -21.41
CA GLN C 101 -4.20 -0.13 -22.80
C GLN C 101 -2.91 -0.90 -23.08
N GLY C 102 -2.17 -1.26 -22.04
CA GLY C 102 -0.99 -2.09 -22.18
C GLY C 102 0.29 -1.28 -22.14
N THR C 103 1.35 -1.89 -21.62
CA THR C 103 2.69 -1.31 -21.58
C THR C 103 3.63 -2.26 -22.29
N LYS C 104 4.33 -1.75 -23.30
CA LYS C 104 5.27 -2.56 -24.07
C LYS C 104 6.65 -2.47 -23.44
N LEU C 105 7.18 -3.61 -22.98
CA LEU C 105 8.52 -3.70 -22.43
C LEU C 105 9.44 -4.26 -23.51
N GLU C 106 10.35 -3.43 -24.01
CA GLU C 106 11.24 -3.82 -25.09
C GLU C 106 12.68 -3.76 -24.59
N ILE C 107 13.56 -4.40 -25.35
CA ILE C 107 14.98 -4.49 -25.00
C ILE C 107 15.71 -3.30 -25.62
N LYS C 108 16.46 -2.59 -24.78
CA LYS C 108 17.22 -1.44 -25.24
C LYS C 108 18.45 -1.87 -26.01
N ARG C 109 18.73 -1.15 -27.10
CA ARG C 109 19.91 -1.37 -27.92
C ARG C 109 20.46 0.00 -28.29
N THR C 110 21.62 0.02 -28.93
CA THR C 110 22.16 1.26 -29.48
C THR C 110 21.36 1.67 -30.72
N VAL C 111 21.32 2.97 -30.96
CA VAL C 111 20.61 3.48 -32.13
C VAL C 111 21.25 2.93 -33.40
N ALA C 112 20.41 2.46 -34.32
CA ALA C 112 20.88 1.92 -35.58
C ALA C 112 19.99 2.46 -36.69
N ALA C 113 20.61 3.07 -37.70
CA ALA C 113 19.86 3.64 -38.81
C ALA C 113 19.35 2.54 -39.73
N PRO C 114 18.20 2.75 -40.37
CA PRO C 114 17.65 1.71 -41.25
C PRO C 114 18.40 1.61 -42.56
N SER C 115 18.44 0.39 -43.10
CA SER C 115 18.87 0.17 -44.47
C SER C 115 17.63 0.20 -45.36
N VAL C 116 17.56 1.17 -46.27
CA VAL C 116 16.35 1.46 -47.02
C VAL C 116 16.51 0.95 -48.43
N PHE C 117 15.48 0.26 -48.94
CA PHE C 117 15.48 -0.25 -50.30
C PHE C 117 14.09 -0.05 -50.89
N ILE C 118 14.03 0.24 -52.19
CA ILE C 118 12.76 0.41 -52.88
C ILE C 118 12.67 -0.61 -54.01
N PHE C 119 11.54 -1.29 -54.09
CA PHE C 119 11.28 -2.33 -55.07
C PHE C 119 10.14 -1.92 -55.98
N PRO C 120 10.39 -1.77 -57.28
CA PRO C 120 9.30 -1.46 -58.22
C PRO C 120 8.42 -2.67 -58.47
N PRO C 121 7.23 -2.48 -59.03
CA PRO C 121 6.38 -3.62 -59.36
C PRO C 121 6.94 -4.45 -60.50
N SER C 122 6.67 -5.75 -60.45
CA SER C 122 7.09 -6.66 -61.50
C SER C 122 6.16 -6.52 -62.71
N ASP C 123 6.73 -6.75 -63.90
CA ASP C 123 5.93 -6.67 -65.11
C ASP C 123 4.79 -7.68 -65.09
N GLU C 124 5.03 -8.86 -64.52
CA GLU C 124 3.97 -9.86 -64.39
C GLU C 124 2.85 -9.35 -63.51
N GLN C 125 3.18 -8.56 -62.49
CA GLN C 125 2.15 -7.93 -61.68
C GLN C 125 1.40 -6.87 -62.47
N LEU C 126 2.11 -6.11 -63.31
CA LEU C 126 1.46 -5.11 -64.14
C LEU C 126 0.50 -5.75 -65.14
N LYS C 127 0.78 -7.00 -65.54
CA LYS C 127 -0.16 -7.70 -66.41
C LYS C 127 -1.52 -7.89 -65.75
N SER C 128 -1.56 -7.94 -64.41
CA SER C 128 -2.81 -8.15 -63.70
C SER C 128 -3.64 -6.87 -63.53
N GLY C 129 -3.08 -5.71 -63.84
CA GLY C 129 -3.80 -4.46 -63.78
C GLY C 129 -3.60 -3.67 -62.49
N THR C 130 -2.73 -4.13 -61.60
CA THR C 130 -2.45 -3.43 -60.35
C THR C 130 -0.95 -3.30 -60.18
N ALA C 131 -0.52 -2.20 -59.55
CA ALA C 131 0.88 -1.92 -59.33
C ALA C 131 1.09 -1.58 -57.86
N SER C 132 1.98 -2.34 -57.21
CA SER C 132 2.34 -2.12 -55.81
C SER C 132 3.84 -1.89 -55.74
N VAL C 133 4.24 -0.71 -55.23
CA VAL C 133 5.64 -0.37 -55.04
C VAL C 133 5.95 -0.54 -53.56
N VAL C 134 7.04 -1.24 -53.25
CA VAL C 134 7.34 -1.62 -51.87
C VAL C 134 8.60 -0.89 -51.41
N CYS C 135 8.59 -0.44 -50.16
CA CYS C 135 9.74 0.20 -49.53
C CYS C 135 10.07 -0.51 -48.24
N LEU C 136 11.32 -0.91 -48.08
CA LEU C 136 11.79 -1.67 -46.94
C LEU C 136 12.75 -0.82 -46.10
N LEU C 137 12.47 -0.75 -44.80
CA LEU C 137 13.37 -0.19 -43.81
C LEU C 137 13.85 -1.37 -42.97
N ASN C 138 15.14 -1.70 -43.08
CA ASN C 138 15.65 -2.95 -42.54
C ASN C 138 16.59 -2.67 -41.36
N ASN C 139 16.33 -3.35 -40.25
CA ASN C 139 17.25 -3.42 -39.11
C ASN C 139 17.56 -2.02 -38.57
N PHE C 140 16.55 -1.44 -37.92
CA PHE C 140 16.66 -0.13 -37.32
C PHE C 140 16.15 -0.16 -35.89
N TYR C 141 16.72 0.70 -35.06
CA TYR C 141 16.25 0.91 -33.70
C TYR C 141 16.39 2.40 -33.37
N PRO C 142 15.44 2.97 -32.62
CA PRO C 142 14.21 2.42 -32.04
C PRO C 142 13.11 2.12 -33.06
N ARG C 143 11.95 1.71 -32.54
CA ARG C 143 10.83 1.31 -33.38
C ARG C 143 10.32 2.46 -34.24
N GLU C 144 10.38 3.70 -33.74
CA GLU C 144 9.74 4.82 -34.41
C GLU C 144 10.51 5.21 -35.67
N ALA C 145 9.80 5.20 -36.80
CA ALA C 145 10.35 5.63 -38.08
C ALA C 145 9.21 6.16 -38.92
N LYS C 146 9.51 7.06 -39.85
CA LYS C 146 8.48 7.70 -40.67
C LYS C 146 8.80 7.49 -42.13
N VAL C 147 7.85 6.88 -42.85
CA VAL C 147 7.96 6.62 -44.29
C VAL C 147 7.03 7.59 -45.01
N GLN C 148 7.54 8.23 -46.05
CA GLN C 148 6.80 9.21 -46.83
C GLN C 148 7.02 8.91 -48.30
N TRP C 149 5.94 8.60 -49.02
CA TRP C 149 6.01 8.28 -50.43
C TRP C 149 5.92 9.55 -51.27
N LYS C 150 6.68 9.57 -52.37
CA LYS C 150 6.64 10.66 -53.33
C LYS C 150 6.57 10.06 -54.74
N VAL C 151 5.66 10.57 -55.56
CA VAL C 151 5.56 10.18 -56.96
C VAL C 151 5.71 11.44 -57.80
N ASP C 152 6.76 11.48 -58.62
CA ASP C 152 7.12 12.70 -59.33
C ASP C 152 7.22 13.88 -58.35
N ASN C 153 7.79 13.61 -57.18
CA ASN C 153 7.95 14.56 -56.07
C ASN C 153 6.63 14.90 -55.39
N ALA C 154 5.50 14.38 -55.87
CA ALA C 154 4.22 14.63 -55.22
C ALA C 154 4.06 13.73 -54.00
N LEU C 155 3.78 14.33 -52.85
CA LEU C 155 3.61 13.57 -51.62
C LEU C 155 2.37 12.69 -51.72
N GLN C 156 2.52 11.41 -51.36
CA GLN C 156 1.43 10.46 -51.33
C GLN C 156 0.96 10.24 -49.90
N SER C 157 -0.36 10.12 -49.72
CA SER C 157 -0.92 9.91 -48.40
C SER C 157 -2.20 9.09 -48.52
N GLY C 158 -2.41 8.20 -47.55
CA GLY C 158 -3.62 7.41 -47.45
C GLY C 158 -3.69 6.21 -48.38
N ASN C 159 -2.83 6.12 -49.38
CA ASN C 159 -2.82 4.99 -50.31
C ASN C 159 -1.81 3.92 -49.95
N SER C 160 -1.13 4.04 -48.81
CA SER C 160 -0.07 3.12 -48.42
C SER C 160 -0.44 2.39 -47.15
N GLN C 161 0.21 1.25 -46.93
CA GLN C 161 -0.01 0.42 -45.76
C GLN C 161 1.32 -0.05 -45.20
N GLU C 162 1.43 -0.05 -43.87
CA GLU C 162 2.67 -0.42 -43.20
C GLU C 162 2.49 -1.72 -42.41
N SER C 163 3.59 -2.45 -42.28
CA SER C 163 3.65 -3.67 -41.49
C SER C 163 5.02 -3.74 -40.84
N VAL C 164 5.07 -4.17 -39.58
CA VAL C 164 6.30 -4.11 -38.79
C VAL C 164 6.55 -5.46 -38.15
N THR C 165 7.81 -5.88 -38.18
CA THR C 165 8.23 -7.11 -37.53
C THR C 165 8.42 -6.87 -36.04
N GLU C 166 8.24 -7.93 -35.25
CA GLU C 166 8.58 -7.86 -33.84
C GLU C 166 10.09 -7.72 -33.69
N GLN C 167 10.50 -7.16 -32.55
CA GLN C 167 11.92 -6.91 -32.33
C GLN C 167 12.70 -8.21 -32.45
N ASP C 168 13.73 -8.21 -33.28
CA ASP C 168 14.50 -9.43 -33.52
C ASP C 168 15.15 -9.91 -32.23
N SER C 169 15.14 -11.22 -32.02
CA SER C 169 15.67 -11.79 -30.79
C SER C 169 17.20 -11.81 -30.75
N LYS C 170 17.87 -11.63 -31.89
CA LYS C 170 19.32 -11.72 -31.94
C LYS C 170 19.96 -10.34 -31.79
N ASP C 171 19.73 -9.46 -32.77
CA ASP C 171 20.34 -8.12 -32.75
C ASP C 171 19.43 -7.07 -32.14
N SER C 172 18.21 -7.43 -31.73
CA SER C 172 17.33 -6.54 -30.97
C SER C 172 16.93 -5.31 -31.78
N THR C 173 16.72 -5.49 -33.08
CA THR C 173 16.31 -4.40 -33.96
C THR C 173 14.88 -4.64 -34.46
N TYR C 174 14.38 -3.69 -35.23
CA TYR C 174 13.08 -3.78 -35.88
C TYR C 174 13.24 -3.66 -37.39
N SER C 175 12.22 -4.11 -38.11
CA SER C 175 12.13 -3.94 -39.55
C SER C 175 10.71 -3.54 -39.91
N LEU C 176 10.59 -2.76 -41.00
CA LEU C 176 9.32 -2.20 -41.42
C LEU C 176 9.21 -2.29 -42.93
N SER C 177 8.00 -2.59 -43.40
CA SER C 177 7.68 -2.65 -44.82
C SER C 177 6.48 -1.76 -45.10
N SER C 178 6.58 -0.98 -46.17
CA SER C 178 5.50 -0.09 -46.59
C SER C 178 5.14 -0.40 -48.04
N THR C 179 3.84 -0.47 -48.32
CA THR C 179 3.35 -0.82 -49.64
C THR C 179 2.47 0.31 -50.15
N LEU C 180 2.88 0.91 -51.27
CA LEU C 180 2.09 1.91 -51.97
C LEU C 180 1.33 1.21 -53.10
N THR C 181 0.01 1.36 -53.12
CA THR C 181 -0.85 0.67 -54.06
C THR C 181 -1.48 1.68 -55.03
N LEU C 182 -1.26 1.46 -56.32
CA LEU C 182 -1.88 2.26 -57.36
C LEU C 182 -2.32 1.36 -58.51
N SER C 183 -3.31 1.83 -59.25
CA SER C 183 -3.75 1.13 -60.45
C SER C 183 -2.66 1.22 -61.53
N LYS C 184 -2.70 0.26 -62.46
CA LYS C 184 -1.70 0.25 -63.52
C LYS C 184 -1.68 1.58 -64.27
N ALA C 185 -2.86 2.15 -64.52
CA ALA C 185 -2.91 3.44 -65.21
C ALA C 185 -2.19 4.51 -64.40
N ASP C 186 -2.56 4.67 -63.12
CA ASP C 186 -1.91 5.66 -62.28
C ASP C 186 -0.41 5.44 -62.21
N TYR C 187 0.02 4.17 -62.20
CA TYR C 187 1.45 3.88 -62.19
C TYR C 187 2.10 4.32 -63.50
N GLU C 188 1.43 4.10 -64.63
CA GLU C 188 1.99 4.47 -65.93
C GLU C 188 1.95 5.96 -66.17
N LYS C 189 1.18 6.72 -65.39
CA LYS C 189 1.08 8.15 -65.61
C LYS C 189 2.21 8.95 -64.96
N HIS C 190 3.13 8.29 -64.26
CA HIS C 190 4.18 8.99 -63.52
C HIS C 190 5.52 8.31 -63.78
N LYS C 191 6.60 9.06 -63.54
CA LYS C 191 7.95 8.64 -63.86
C LYS C 191 8.78 8.31 -62.62
N VAL C 192 9.06 9.30 -61.78
CA VAL C 192 9.95 9.13 -60.64
C VAL C 192 9.14 8.66 -59.44
N TYR C 193 9.50 7.50 -58.89
CA TYR C 193 8.90 7.00 -57.67
C TYR C 193 9.97 6.94 -56.58
N ALA C 194 9.69 7.58 -55.44
CA ALA C 194 10.67 7.75 -54.38
C ALA C 194 10.05 7.42 -53.04
N CYS C 195 10.83 6.75 -52.19
CA CYS C 195 10.48 6.48 -50.80
C CYS C 195 11.46 7.25 -49.92
N GLU C 196 10.92 8.19 -49.15
CA GLU C 196 11.71 9.04 -48.25
C GLU C 196 11.52 8.56 -46.82
N VAL C 197 12.63 8.28 -46.14
CA VAL C 197 12.62 7.73 -44.79
C VAL C 197 13.27 8.72 -43.84
N THR C 198 12.62 8.91 -42.69
CA THR C 198 13.19 9.65 -41.57
C THR C 198 13.29 8.73 -40.36
N HIS C 199 14.47 8.73 -39.73
CA HIS C 199 14.75 7.91 -38.57
C HIS C 199 15.81 8.62 -37.74
N GLN C 200 15.82 8.35 -36.44
CA GLN C 200 16.68 9.10 -35.52
C GLN C 200 18.16 8.79 -35.68
N GLY C 201 18.51 7.69 -36.33
CA GLY C 201 19.91 7.42 -36.59
C GLY C 201 20.48 8.12 -37.80
N LEU C 202 19.63 8.74 -38.61
CA LEU C 202 20.06 9.49 -39.79
C LEU C 202 19.89 10.98 -39.53
N ARG C 203 20.96 11.75 -39.71
CA ARG C 203 20.89 13.19 -39.55
C ARG C 203 19.79 13.79 -40.43
N SER C 204 19.63 13.27 -41.63
CA SER C 204 18.70 13.81 -42.61
C SER C 204 18.01 12.67 -43.32
N PRO C 205 16.84 12.91 -43.92
CA PRO C 205 16.09 11.80 -44.51
C PRO C 205 16.82 11.19 -45.70
N VAL C 206 16.70 9.86 -45.83
CA VAL C 206 17.29 9.14 -46.94
C VAL C 206 16.19 8.77 -47.91
N THR C 207 16.42 9.01 -49.20
CA THR C 207 15.42 8.80 -50.24
C THR C 207 15.94 7.79 -51.24
N LYS C 208 15.21 6.68 -51.40
CA LYS C 208 15.52 5.68 -52.41
C LYS C 208 14.44 5.75 -53.50
N SER C 209 14.87 5.91 -54.75
CA SER C 209 13.93 6.17 -55.83
C SER C 209 14.34 5.39 -57.07
N PHE C 210 13.40 5.31 -58.01
CA PHE C 210 13.62 4.65 -59.28
C PHE C 210 12.77 5.35 -60.34
N ASN C 211 13.16 5.16 -61.60
CA ASN C 211 12.42 5.68 -62.73
C ASN C 211 11.73 4.53 -63.45
N ARG C 212 10.44 4.70 -63.71
CA ARG C 212 9.68 3.66 -64.40
C ARG C 212 10.28 3.38 -65.77
N GLY C 213 10.35 2.10 -66.13
CA GLY C 213 10.85 1.70 -67.42
C GLY C 213 12.36 1.73 -67.56
N GLU C 214 13.09 1.48 -66.48
CA GLU C 214 14.54 1.42 -66.56
C GLU C 214 14.96 0.20 -67.38
N GLU D 1 -10.69 18.54 9.83
CA GLU D 1 -9.75 17.76 10.69
C GLU D 1 -9.68 16.31 10.22
N ILE D 2 -8.70 15.58 10.73
CA ILE D 2 -8.56 14.16 10.46
C ILE D 2 -8.64 13.44 11.81
N VAL D 3 -9.75 12.76 12.06
CA VAL D 3 -9.90 11.99 13.29
C VAL D 3 -9.17 10.67 13.16
N MET D 4 -8.47 10.27 14.21
CA MET D 4 -7.65 9.06 14.21
C MET D 4 -8.24 8.06 15.19
N THR D 5 -8.56 6.87 14.69
CA THR D 5 -9.11 5.79 15.52
C THR D 5 -8.11 4.63 15.53
N GLN D 6 -7.52 4.38 16.68
CA GLN D 6 -6.60 3.26 16.85
C GLN D 6 -7.34 2.04 17.39
N SER D 7 -6.93 0.86 16.91
CA SER D 7 -7.51 -0.38 17.41
C SER D 7 -6.46 -1.47 17.53
N PRO D 8 -6.60 -2.37 18.53
CA PRO D 8 -7.62 -2.34 19.59
C PRO D 8 -7.30 -1.30 20.66
N GLY D 9 -8.16 -1.17 21.68
CA GLY D 9 -7.90 -0.21 22.73
C GLY D 9 -6.96 -0.74 23.79
N THR D 10 -6.95 -2.04 24.00
CA THR D 10 -5.94 -2.72 24.81
C THR D 10 -5.59 -4.02 24.13
N LEU D 11 -4.29 -4.28 23.97
CA LEU D 11 -3.80 -5.47 23.29
C LEU D 11 -2.99 -6.29 24.27
N SER D 12 -3.45 -7.50 24.55
CA SER D 12 -2.83 -8.40 25.53
C SER D 12 -2.14 -9.52 24.76
N LEU D 13 -0.81 -9.55 24.82
CA LEU D 13 -0.01 -10.51 24.06
C LEU D 13 1.09 -11.07 24.95
N SER D 14 1.90 -11.94 24.37
CA SER D 14 2.99 -12.63 25.04
C SER D 14 4.26 -12.42 24.23
N PRO D 15 5.43 -12.53 24.86
CA PRO D 15 6.68 -12.31 24.12
C PRO D 15 6.81 -13.12 22.84
N GLY D 16 6.29 -14.34 22.82
CA GLY D 16 6.45 -15.17 21.63
C GLY D 16 5.59 -14.74 20.47
N GLU D 17 4.48 -14.07 20.74
CA GLU D 17 3.54 -13.71 19.68
C GLU D 17 3.99 -12.44 18.96
N ARG D 18 3.23 -12.07 17.93
CA ARG D 18 3.45 -10.87 17.14
C ARG D 18 2.26 -9.93 17.29
N ALA D 19 2.54 -8.63 17.42
CA ALA D 19 1.52 -7.62 17.66
C ALA D 19 1.26 -6.83 16.38
N THR D 20 -0.02 -6.67 16.04
CA THR D 20 -0.45 -5.86 14.90
C THR D 20 -1.40 -4.79 15.41
N LEU D 21 -1.00 -3.53 15.25
CA LEU D 21 -1.77 -2.38 15.68
C LEU D 21 -2.32 -1.64 14.47
N SER D 22 -3.58 -1.21 14.56
CA SER D 22 -4.25 -0.57 13.45
C SER D 22 -4.54 0.91 13.77
N CYS D 23 -4.40 1.75 12.76
CA CYS D 23 -4.68 3.18 12.88
C CYS D 23 -5.48 3.60 11.65
N ARG D 24 -6.64 4.21 11.88
CA ARG D 24 -7.58 4.54 10.82
C ARG D 24 -7.86 6.03 10.80
N ALA D 25 -7.89 6.60 9.59
CA ALA D 25 -8.06 8.03 9.39
C ALA D 25 -9.49 8.33 8.94
N SER D 26 -10.06 9.39 9.50
CA SER D 26 -11.41 9.80 9.11
C SER D 26 -11.47 10.11 7.62
N GLN D 27 -10.42 10.73 7.09
CA GLN D 27 -10.34 11.07 5.67
C GLN D 27 -9.05 10.49 5.11
N SER D 28 -8.90 10.63 3.80
CA SER D 28 -7.71 10.14 3.12
C SER D 28 -6.48 10.90 3.61
N VAL D 29 -5.34 10.22 3.62
CA VAL D 29 -4.06 10.87 3.88
C VAL D 29 -3.38 11.03 2.52
N PRO D 30 -3.36 12.23 1.95
CA PRO D 30 -2.84 12.37 0.57
C PRO D 30 -1.37 12.04 0.44
N ARG D 31 -0.54 12.60 1.33
CA ARG D 31 0.91 12.53 1.20
C ARG D 31 1.52 11.38 1.98
N ASN D 32 0.70 10.51 2.56
CA ASN D 32 1.17 9.41 3.40
C ASN D 32 2.07 9.96 4.51
N TYR D 33 1.57 10.98 5.20
CA TYR D 33 2.27 11.59 6.31
C TYR D 33 1.70 10.98 7.60
N ILE D 34 2.47 10.11 8.23
CA ILE D 34 2.05 9.40 9.42
C ILE D 34 3.30 9.07 10.24
N GLY D 35 3.11 8.88 11.53
CA GLY D 35 4.18 8.47 12.40
C GLY D 35 3.63 7.64 13.54
N TRP D 36 4.53 6.89 14.17
CA TRP D 36 4.17 6.06 15.31
C TRP D 36 5.16 6.35 16.43
N PHE D 37 4.62 6.61 17.62
CA PHE D 37 5.37 6.95 18.82
C PHE D 37 5.22 5.85 19.85
N GLN D 38 6.34 5.50 20.47
CA GLN D 38 6.38 4.57 21.60
C GLN D 38 6.61 5.36 22.88
N GLN D 39 5.77 5.12 23.88
CA GLN D 39 5.89 5.77 25.17
C GLN D 39 5.81 4.72 26.26
N LYS D 40 6.91 4.57 27.03
CA LYS D 40 7.01 3.73 28.21
C LYS D 40 6.64 4.53 29.45
N PRO D 41 6.17 3.87 30.51
CA PRO D 41 5.71 4.62 31.70
C PRO D 41 6.82 5.46 32.30
N GLY D 42 6.50 6.72 32.56
CA GLY D 42 7.42 7.65 33.18
C GLY D 42 8.50 8.20 32.26
N GLN D 43 8.57 7.75 31.00
CA GLN D 43 9.56 8.23 30.05
C GLN D 43 8.88 8.96 28.89
N ALA D 44 9.64 9.86 28.29
CA ALA D 44 9.13 10.62 27.16
C ALA D 44 8.89 9.71 25.96
N PRO D 45 7.99 10.09 25.06
CA PRO D 45 7.76 9.27 23.87
C PRO D 45 8.97 9.29 22.95
N ARG D 46 9.16 8.18 22.24
CA ARG D 46 10.15 8.09 21.18
C ARG D 46 9.43 7.83 19.87
N LEU D 47 9.71 8.66 18.86
CA LEU D 47 9.13 8.43 17.55
C LEU D 47 9.66 7.11 16.99
N LEU D 48 8.75 6.32 16.44
CA LEU D 48 9.05 4.98 15.97
C LEU D 48 9.00 4.89 14.45
N ILE D 49 7.85 5.16 13.85
CA ILE D 49 7.73 5.16 12.40
C ILE D 49 7.45 6.58 11.93
N TYR D 50 7.91 6.90 10.73
CA TYR D 50 7.53 8.13 10.06
C TYR D 50 7.11 7.79 8.64
N GLY D 51 6.32 8.68 8.04
CA GLY D 51 5.70 8.29 6.80
C GLY D 51 4.87 7.04 7.02
N ALA D 52 4.72 6.25 5.96
CA ALA D 52 4.04 4.95 6.05
C ALA D 52 5.01 3.85 6.50
N SER D 53 5.95 3.51 5.63
CA SER D 53 6.79 2.32 5.81
C SER D 53 8.17 2.62 6.40
N SER D 54 8.52 3.87 6.66
CA SER D 54 9.89 4.22 7.00
C SER D 54 10.16 3.99 8.49
N ARG D 55 11.20 3.21 8.79
CA ARG D 55 11.56 2.91 10.16
C ARG D 55 12.62 3.90 10.66
N ALA D 56 12.42 4.39 11.89
CA ALA D 56 13.36 5.34 12.48
C ALA D 56 14.66 4.66 12.86
N ALA D 57 15.74 5.44 12.85
CA ALA D 57 17.05 4.93 13.20
C ALA D 57 17.12 4.58 14.68
N GLY D 58 17.88 3.52 14.99
CA GLY D 58 18.11 3.12 16.36
C GLY D 58 17.19 2.04 16.89
N PHE D 59 16.33 1.48 16.05
CA PHE D 59 15.37 0.48 16.51
C PHE D 59 15.54 -0.83 15.74
N PRO D 60 15.25 -1.97 16.37
CA PRO D 60 15.36 -3.25 15.65
C PRO D 60 14.40 -3.29 14.47
N ASP D 61 14.70 -4.21 13.55
CA ASP D 61 13.91 -4.35 12.33
C ASP D 61 12.54 -4.99 12.58
N ARG D 62 12.30 -5.56 13.76
CA ARG D 62 11.01 -6.19 14.01
C ARG D 62 9.86 -5.20 14.01
N PHE D 63 10.14 -3.91 14.15
CA PHE D 63 9.12 -2.87 14.01
C PHE D 63 9.02 -2.48 12.55
N SER D 64 7.83 -2.64 11.96
CA SER D 64 7.63 -2.27 10.56
C SER D 64 6.25 -1.67 10.38
N GLY D 65 6.19 -0.51 9.73
CA GLY D 65 4.93 0.10 9.38
C GLY D 65 4.55 -0.19 7.93
N SER D 66 3.25 -0.07 7.66
CA SER D 66 2.75 -0.19 6.29
C SER D 66 1.37 0.45 6.25
N GLY D 67 0.93 0.79 5.05
CA GLY D 67 -0.42 1.29 4.87
C GLY D 67 -0.53 2.45 3.91
N SER D 68 -1.76 2.87 3.62
CA SER D 68 -1.98 3.98 2.73
C SER D 68 -3.37 4.55 2.98
N GLY D 69 -3.58 5.76 2.48
CA GLY D 69 -4.92 6.33 2.49
C GLY D 69 -5.48 6.38 3.90
N THR D 70 -6.63 5.74 4.07
CA THR D 70 -7.33 5.77 5.34
C THR D 70 -6.80 4.75 6.36
N ASP D 71 -6.08 3.72 5.92
CA ASP D 71 -5.73 2.62 6.81
C ASP D 71 -4.22 2.48 6.92
N PHE D 72 -3.75 2.30 8.16
CA PHE D 72 -2.34 2.11 8.46
C PHE D 72 -2.20 1.01 9.52
N THR D 73 -1.05 0.35 9.49
CA THR D 73 -0.77 -0.81 10.34
C THR D 73 0.68 -0.77 10.79
N LEU D 74 0.90 -1.13 12.06
CA LEU D 74 2.23 -1.32 12.63
C LEU D 74 2.35 -2.77 13.08
N THR D 75 3.43 -3.43 12.67
CA THR D 75 3.66 -4.82 12.99
C THR D 75 4.95 -4.95 13.78
N ILE D 76 4.86 -5.63 14.92
CA ILE D 76 6.00 -5.92 15.78
C ILE D 76 6.11 -7.43 15.90
N THR D 77 7.24 -8.00 15.44
CA THR D 77 7.41 -9.44 15.50
C THR D 77 8.26 -9.82 16.71
N ARG D 78 8.35 -11.13 16.95
CA ARG D 78 9.23 -11.68 17.97
C ARG D 78 9.29 -10.79 19.21
N LEU D 79 8.17 -10.65 19.92
CA LEU D 79 8.08 -9.61 20.94
C LEU D 79 9.07 -9.89 22.07
N GLU D 80 9.96 -8.95 22.32
CA GLU D 80 10.82 -8.93 23.49
C GLU D 80 10.17 -8.13 24.61
N PRO D 81 10.59 -8.33 25.85
CA PRO D 81 10.00 -7.56 26.96
C PRO D 81 10.02 -6.05 26.74
N GLU D 82 11.09 -5.53 26.15
CA GLU D 82 11.21 -4.09 25.96
C GLU D 82 10.14 -3.52 25.02
N ASP D 83 9.50 -4.38 24.22
CA ASP D 83 8.54 -3.89 23.23
C ASP D 83 7.27 -3.33 23.85
N PHE D 84 6.95 -3.72 25.09
CA PHE D 84 5.68 -3.36 25.68
C PHE D 84 5.68 -1.89 26.10
N ALA D 85 4.73 -1.13 25.56
CA ALA D 85 4.58 0.29 25.85
C ALA D 85 3.26 0.73 25.24
N MET D 86 2.95 2.02 25.36
CA MET D 86 1.78 2.60 24.72
C MET D 86 2.20 3.23 23.40
N TYR D 87 1.39 3.02 22.37
CA TYR D 87 1.73 3.41 21.00
C TYR D 87 0.70 4.39 20.46
N TYR D 88 1.16 5.53 19.95
CA TYR D 88 0.29 6.53 19.35
C TYR D 88 0.59 6.66 17.87
N CYS D 89 -0.44 6.89 17.06
CA CYS D 89 -0.24 7.20 15.64
C CYS D 89 -0.60 8.67 15.41
N HIS D 90 0.28 9.36 14.69
CA HIS D 90 0.24 10.81 14.54
C HIS D 90 0.19 11.18 13.07
N GLN D 91 -0.55 12.23 12.73
CA GLN D 91 -0.70 12.67 11.35
C GLN D 91 -0.34 14.14 11.24
N TYR D 92 0.73 14.43 10.51
CA TYR D 92 1.18 15.80 10.25
C TYR D 92 0.73 16.30 8.87
N ASP D 93 -0.06 15.52 8.12
CA ASP D 93 -0.38 15.89 6.75
C ASP D 93 -1.18 17.18 6.69
N ARG D 94 -2.35 17.21 7.34
CA ARG D 94 -3.32 18.27 7.16
C ARG D 94 -3.68 18.89 8.50
N LEU D 95 -3.70 20.21 8.57
CA LEU D 95 -4.06 20.90 9.80
C LEU D 95 -5.55 20.73 10.12
N PRO D 96 -5.90 20.67 11.42
CA PRO D 96 -4.94 20.59 12.53
C PRO D 96 -4.38 19.19 12.68
N TYR D 97 -3.15 19.08 13.20
CA TYR D 97 -2.57 17.77 13.44
C TYR D 97 -3.28 17.10 14.61
N THR D 98 -3.34 15.77 14.57
CA THR D 98 -4.02 15.01 15.60
C THR D 98 -3.26 13.71 15.87
N PHE D 99 -3.44 13.19 17.09
CA PHE D 99 -2.83 11.95 17.50
C PHE D 99 -3.93 10.95 17.82
N GLY D 100 -3.61 9.67 17.66
CA GLY D 100 -4.57 8.64 17.98
C GLY D 100 -4.78 8.50 19.47
N GLN D 101 -5.94 7.92 19.83
CA GLN D 101 -6.25 7.68 21.24
C GLN D 101 -5.18 6.83 21.91
N GLY D 102 -4.43 6.07 21.14
CA GLY D 102 -3.37 5.23 21.68
C GLY D 102 -3.82 3.79 21.84
N THR D 103 -2.87 2.87 21.71
CA THR D 103 -3.09 1.45 21.92
C THR D 103 -2.17 0.98 23.02
N LYS D 104 -2.74 0.39 24.06
CA LYS D 104 -1.98 -0.10 25.21
C LYS D 104 -1.58 -1.53 24.95
N LEU D 105 -0.28 -1.77 24.85
CA LEU D 105 0.27 -3.12 24.65
C LEU D 105 0.76 -3.61 26.01
N GLU D 106 0.05 -4.60 26.57
CA GLU D 106 0.36 -5.13 27.88
C GLU D 106 0.78 -6.59 27.75
N ILE D 107 1.25 -7.14 28.86
CA ILE D 107 1.71 -8.52 28.91
C ILE D 107 0.52 -9.39 29.31
N LYS D 108 0.22 -10.39 28.48
CA LYS D 108 -0.84 -11.34 28.80
C LYS D 108 -0.34 -12.33 29.84
N ARG D 109 -1.18 -12.60 30.84
CA ARG D 109 -0.86 -13.59 31.86
C ARG D 109 -2.13 -14.37 32.21
N THR D 110 -1.97 -15.34 33.10
CA THR D 110 -3.11 -16.10 33.59
C THR D 110 -3.95 -15.23 34.51
N VAL D 111 -5.25 -15.53 34.56
CA VAL D 111 -6.17 -14.79 35.42
C VAL D 111 -5.72 -14.96 36.86
N ALA D 112 -5.69 -13.85 37.59
CA ALA D 112 -5.32 -13.87 39.00
C ALA D 112 -6.29 -12.99 39.77
N ALA D 113 -6.93 -13.56 40.79
CA ALA D 113 -7.87 -12.80 41.59
C ALA D 113 -7.12 -11.87 42.55
N PRO D 114 -7.69 -10.72 42.87
CA PRO D 114 -7.00 -9.78 43.75
C PRO D 114 -7.02 -10.23 45.20
N SER D 115 -5.96 -9.88 45.92
CA SER D 115 -5.95 -9.96 47.38
C SER D 115 -6.47 -8.63 47.91
N VAL D 116 -7.59 -8.68 48.62
CA VAL D 116 -8.34 -7.49 48.98
C VAL D 116 -8.15 -7.21 50.46
N PHE D 117 -7.88 -5.95 50.79
CA PHE D 117 -7.72 -5.54 52.18
C PHE D 117 -8.39 -4.18 52.38
N ILE D 118 -9.00 -3.96 53.54
CA ILE D 118 -9.59 -2.68 53.87
C ILE D 118 -8.92 -2.14 55.12
N PHE D 119 -8.51 -0.88 55.08
CA PHE D 119 -7.84 -0.22 56.18
C PHE D 119 -8.72 0.93 56.67
N PRO D 120 -9.17 0.89 57.93
CA PRO D 120 -9.95 2.01 58.48
C PRO D 120 -9.07 3.21 58.74
N PRO D 121 -9.65 4.38 58.96
CA PRO D 121 -8.84 5.56 59.26
C PRO D 121 -8.17 5.43 60.61
N SER D 122 -6.97 5.98 60.71
CA SER D 122 -6.22 5.97 61.96
C SER D 122 -6.76 7.02 62.90
N ASP D 123 -6.67 6.72 64.20
CA ASP D 123 -7.12 7.68 65.21
C ASP D 123 -6.38 9.01 65.08
N GLU D 124 -5.11 8.96 64.68
CA GLU D 124 -4.34 10.18 64.49
C GLU D 124 -4.94 11.01 63.37
N GLN D 125 -5.46 10.35 62.33
CA GLN D 125 -6.15 11.07 61.27
C GLN D 125 -7.48 11.62 61.77
N LEU D 126 -8.18 10.86 62.61
CA LEU D 126 -9.44 11.35 63.16
C LEU D 126 -9.23 12.58 64.03
N LYS D 127 -8.06 12.70 64.67
CA LYS D 127 -7.76 13.92 65.41
C LYS D 127 -7.68 15.14 64.48
N SER D 128 -7.31 14.93 63.22
CA SER D 128 -7.14 16.04 62.28
C SER D 128 -8.46 16.50 61.67
N GLY D 129 -9.56 15.77 61.86
CA GLY D 129 -10.86 16.18 61.37
C GLY D 129 -11.27 15.58 60.04
N THR D 130 -10.48 14.67 59.48
CA THR D 130 -10.80 14.03 58.22
C THR D 130 -10.68 12.51 58.39
N ALA D 131 -11.47 11.77 57.62
CA ALA D 131 -11.47 10.32 57.68
C ALA D 131 -11.29 9.76 56.28
N SER D 132 -10.25 8.95 56.09
CA SER D 132 -9.97 8.29 54.81
C SER D 132 -9.94 6.79 55.03
N VAL D 133 -10.83 6.08 54.35
CA VAL D 133 -10.88 4.61 54.38
C VAL D 133 -10.27 4.10 53.08
N VAL D 134 -9.34 3.17 53.18
CA VAL D 134 -8.59 2.71 52.00
C VAL D 134 -8.95 1.26 51.72
N CYS D 135 -9.11 0.93 50.44
CA CYS D 135 -9.37 -0.43 50.00
C CYS D 135 -8.34 -0.79 48.94
N LEU D 136 -7.64 -1.91 49.14
CA LEU D 136 -6.56 -2.35 48.28
C LEU D 136 -6.96 -3.63 47.55
N LEU D 137 -6.82 -3.61 46.22
CA LEU D 137 -6.93 -4.78 45.36
C LEU D 137 -5.54 -5.08 44.85
N ASN D 138 -4.97 -6.21 45.26
CA ASN D 138 -3.56 -6.49 45.05
C ASN D 138 -3.36 -7.63 44.06
N ASN D 139 -2.53 -7.38 43.05
CA ASN D 139 -2.00 -8.43 42.17
C ASN D 139 -3.13 -9.20 41.49
N PHE D 140 -3.78 -8.52 40.54
CA PHE D 140 -4.88 -9.09 39.78
C PHE D 140 -4.67 -8.84 38.29
N TYR D 141 -5.20 -9.75 37.48
CA TYR D 141 -5.24 -9.58 36.03
C TYR D 141 -6.57 -10.15 35.52
N PRO D 142 -7.18 -9.49 34.51
CA PRO D 142 -6.77 -8.29 33.79
C PRO D 142 -6.89 -7.01 34.61
N ARG D 143 -6.58 -5.88 33.96
CA ARG D 143 -6.60 -4.60 34.66
C ARG D 143 -7.99 -4.23 35.13
N GLU D 144 -9.03 -4.66 34.41
CA GLU D 144 -10.39 -4.21 34.69
C GLU D 144 -10.86 -4.80 36.01
N ALA D 145 -11.29 -3.93 36.93
CA ALA D 145 -11.83 -4.34 38.21
C ALA D 145 -12.82 -3.28 38.66
N LYS D 146 -13.78 -3.68 39.49
CA LYS D 146 -14.85 -2.79 39.92
C LYS D 146 -14.88 -2.73 41.44
N VAL D 147 -14.66 -1.53 42.00
CA VAL D 147 -14.77 -1.29 43.43
C VAL D 147 -15.99 -0.42 43.67
N GLN D 148 -16.87 -0.88 44.56
CA GLN D 148 -18.04 -0.13 44.95
C GLN D 148 -18.08 -0.06 46.47
N TRP D 149 -18.15 1.15 47.00
CA TRP D 149 -18.16 1.38 48.43
C TRP D 149 -19.59 1.33 48.98
N LYS D 150 -19.73 0.79 50.18
CA LYS D 150 -20.99 0.77 50.89
C LYS D 150 -20.73 1.21 52.32
N VAL D 151 -21.53 2.15 52.81
CA VAL D 151 -21.43 2.63 54.19
C VAL D 151 -22.76 2.41 54.86
N ASP D 152 -22.77 1.56 55.89
CA ASP D 152 -24.02 1.08 56.48
C ASP D 152 -24.92 0.52 55.38
N ASN D 153 -24.30 -0.17 54.42
CA ASN D 153 -24.95 -0.78 53.27
C ASN D 153 -25.49 0.24 52.27
N ALA D 154 -25.38 1.53 52.57
CA ALA D 154 -25.79 2.57 51.63
C ALA D 154 -24.70 2.72 50.58
N LEU D 155 -25.07 2.51 49.31
CA LEU D 155 -24.10 2.60 48.23
C LEU D 155 -23.53 4.01 48.15
N GLN D 156 -22.22 4.10 48.14
CA GLN D 156 -21.51 5.38 48.06
C GLN D 156 -20.98 5.57 46.65
N SER D 157 -21.07 6.80 46.15
CA SER D 157 -20.63 7.13 44.81
C SER D 157 -20.15 8.57 44.76
N GLY D 158 -19.10 8.81 43.97
CA GLY D 158 -18.58 10.14 43.76
C GLY D 158 -17.69 10.66 44.87
N ASN D 159 -17.68 10.01 46.04
CA ASN D 159 -16.84 10.42 47.15
C ASN D 159 -15.53 9.64 47.23
N SER D 160 -15.27 8.76 46.26
CA SER D 160 -14.09 7.91 46.28
C SER D 160 -13.20 8.22 45.08
N GLN D 161 -11.92 7.86 45.19
CA GLN D 161 -10.95 8.07 44.13
C GLN D 161 -10.09 6.84 43.96
N GLU D 162 -9.77 6.50 42.71
CA GLU D 162 -9.00 5.32 42.38
C GLU D 162 -7.63 5.67 41.85
N SER D 163 -6.68 4.77 42.08
CA SER D 163 -5.31 4.88 41.58
C SER D 163 -4.81 3.49 41.23
N VAL D 164 -4.09 3.38 40.12
CA VAL D 164 -3.69 2.08 39.57
C VAL D 164 -2.20 2.08 39.28
N THR D 165 -1.55 0.99 39.66
CA THR D 165 -0.13 0.79 39.36
C THR D 165 0.05 0.29 37.93
N GLU D 166 1.19 0.61 37.34
CA GLU D 166 1.58 0.01 36.07
C GLU D 166 1.86 -1.48 36.28
N GLN D 167 1.74 -2.24 35.20
CA GLN D 167 1.92 -3.68 35.30
C GLN D 167 3.29 -4.01 35.86
N ASP D 168 3.31 -4.85 36.90
CA ASP D 168 4.57 -5.20 37.54
C ASP D 168 5.49 -5.91 36.56
N SER D 169 6.79 -5.61 36.65
CA SER D 169 7.76 -6.17 35.73
C SER D 169 8.08 -7.63 36.02
N LYS D 170 7.75 -8.14 37.20
CA LYS D 170 8.09 -9.51 37.60
C LYS D 170 6.95 -10.47 37.29
N ASP D 171 5.82 -10.31 37.98
CA ASP D 171 4.69 -11.21 37.84
C ASP D 171 3.66 -10.72 36.83
N SER D 172 3.86 -9.54 36.24
CA SER D 172 3.00 -9.09 35.14
C SER D 172 1.56 -8.87 35.60
N THR D 173 1.37 -8.37 36.82
CA THR D 173 0.05 -8.10 37.36
C THR D 173 -0.16 -6.60 37.53
N TYR D 174 -1.36 -6.24 37.95
CA TYR D 174 -1.72 -4.87 38.29
C TYR D 174 -2.19 -4.81 39.74
N SER D 175 -2.17 -3.61 40.30
CA SER D 175 -2.73 -3.35 41.61
C SER D 175 -3.48 -2.03 41.59
N LEU D 176 -4.51 -1.95 42.44
CA LEU D 176 -5.41 -0.80 42.46
C LEU D 176 -5.73 -0.44 43.90
N SER D 177 -5.79 0.86 44.17
CA SER D 177 -6.17 1.37 45.49
C SER D 177 -7.30 2.36 45.34
N SER D 178 -8.30 2.26 46.21
CA SER D 178 -9.44 3.17 46.22
C SER D 178 -9.55 3.81 47.59
N THR D 179 -9.77 5.12 47.61
CA THR D 179 -9.82 5.90 48.83
C THR D 179 -11.18 6.58 48.94
N LEU D 180 -11.92 6.24 49.99
CA LEU D 180 -13.17 6.91 50.33
C LEU D 180 -12.89 7.98 51.38
N THR D 181 -13.27 9.21 51.10
CA THR D 181 -12.99 10.35 51.97
C THR D 181 -14.30 10.87 52.53
N LEU D 182 -14.39 10.94 53.86
CA LEU D 182 -15.56 11.50 54.52
C LEU D 182 -15.11 12.36 55.70
N SER D 183 -15.97 13.31 56.07
CA SER D 183 -15.70 14.13 57.24
C SER D 183 -15.81 13.29 58.52
N LYS D 184 -15.12 13.77 59.56
CA LYS D 184 -15.11 13.06 60.83
C LYS D 184 -16.53 12.85 61.36
N ALA D 185 -17.38 13.88 61.27
CA ALA D 185 -18.75 13.74 61.74
C ALA D 185 -19.48 12.63 60.99
N ASP D 186 -19.50 12.73 59.65
CA ASP D 186 -20.15 11.70 58.84
C ASP D 186 -19.55 10.33 59.13
N TYR D 187 -18.26 10.27 59.41
CA TYR D 187 -17.63 9.00 59.77
C TYR D 187 -18.20 8.46 61.08
N GLU D 188 -18.39 9.34 62.06
CA GLU D 188 -18.93 8.93 63.36
C GLU D 188 -20.43 8.64 63.31
N LYS D 189 -21.12 9.03 62.23
CA LYS D 189 -22.55 8.78 62.12
C LYS D 189 -22.90 7.38 61.63
N HIS D 190 -21.92 6.53 61.30
CA HIS D 190 -22.21 5.24 60.69
C HIS D 190 -21.35 4.16 61.32
N LYS D 191 -21.83 2.92 61.18
CA LYS D 191 -21.23 1.76 61.84
C LYS D 191 -20.47 0.86 60.87
N VAL D 192 -21.17 0.26 59.91
CA VAL D 192 -20.57 -0.73 59.02
C VAL D 192 -19.95 -0.01 57.83
N TYR D 193 -18.65 -0.20 57.62
CA TYR D 193 -17.94 0.30 56.44
C TYR D 193 -17.50 -0.89 55.62
N ALA D 194 -17.89 -0.91 54.35
CA ALA D 194 -17.66 -2.06 53.48
C ALA D 194 -17.14 -1.63 52.13
N CYS D 195 -16.17 -2.39 51.63
CA CYS D 195 -15.64 -2.26 50.28
C CYS D 195 -16.00 -3.55 49.53
N GLU D 196 -16.82 -3.42 48.49
CA GLU D 196 -17.23 -4.57 47.69
C GLU D 196 -16.49 -4.53 46.35
N VAL D 197 -15.81 -5.62 46.03
CA VAL D 197 -15.01 -5.70 44.82
C VAL D 197 -15.56 -6.83 43.93
N THR D 198 -15.67 -6.52 42.64
CA THR D 198 -16.02 -7.47 41.61
C THR D 198 -14.88 -7.52 40.60
N HIS D 199 -14.46 -8.73 40.24
CA HIS D 199 -13.37 -8.95 39.30
C HIS D 199 -13.61 -10.27 38.58
N GLN D 200 -13.12 -10.36 37.35
CA GLN D 200 -13.43 -11.53 36.52
C GLN D 200 -12.72 -12.79 37.03
N GLY D 201 -11.70 -12.64 37.87
CA GLY D 201 -11.07 -13.76 38.52
C GLY D 201 -11.78 -14.23 39.77
N LEU D 202 -12.80 -13.48 40.20
CA LEU D 202 -13.58 -13.82 41.39
C LEU D 202 -14.93 -14.38 40.97
N ARG D 203 -15.23 -15.60 41.41
CA ARG D 203 -16.52 -16.21 41.19
C ARG D 203 -17.66 -15.24 41.50
N SER D 204 -17.58 -14.59 42.66
CA SER D 204 -18.61 -13.68 43.14
C SER D 204 -17.91 -12.54 43.86
N PRO D 205 -18.56 -11.39 43.98
CA PRO D 205 -17.88 -10.23 44.58
C PRO D 205 -17.55 -10.49 46.03
N VAL D 206 -16.36 -10.04 46.46
CA VAL D 206 -15.92 -10.20 47.83
C VAL D 206 -16.00 -8.84 48.51
N THR D 207 -16.51 -8.83 49.75
CA THR D 207 -16.73 -7.61 50.50
C THR D 207 -15.91 -7.66 51.78
N LYS D 208 -15.05 -6.67 51.98
CA LYS D 208 -14.28 -6.52 53.20
C LYS D 208 -14.82 -5.33 53.98
N SER D 209 -15.18 -5.56 55.25
CA SER D 209 -15.85 -4.53 56.03
C SER D 209 -15.31 -4.52 57.46
N PHE D 210 -15.62 -3.43 58.16
CA PHE D 210 -15.24 -3.24 59.55
C PHE D 210 -16.29 -2.39 60.24
N ASN D 211 -16.30 -2.49 61.57
CA ASN D 211 -17.18 -1.69 62.43
C ASN D 211 -16.36 -0.63 63.14
N ARG D 212 -16.86 0.61 63.14
CA ARG D 212 -16.16 1.69 63.81
C ARG D 212 -15.93 1.33 65.28
N GLY D 213 -14.75 1.66 65.78
CA GLY D 213 -14.42 1.36 67.16
C GLY D 213 -14.06 -0.09 67.39
N GLU D 214 -13.24 -0.66 66.51
CA GLU D 214 -12.78 -2.04 66.65
C GLU D 214 -13.90 -3.02 66.29
N THR E 1 24.14 19.48 2.39
CA THR E 1 22.78 19.07 2.09
C THR E 1 21.77 20.04 2.72
N ASP E 2 22.25 20.87 3.65
CA ASP E 2 21.36 21.82 4.32
C ASP E 2 20.69 22.74 3.30
N LYS E 3 21.49 23.29 2.37
CA LYS E 3 20.91 24.16 1.35
C LYS E 3 19.82 23.44 0.57
N ILE E 4 19.94 22.12 0.42
CA ILE E 4 18.87 21.34 -0.20
C ILE E 4 17.66 21.28 0.72
N ASP E 5 17.90 21.03 2.02
CA ASP E 5 16.81 20.97 2.98
C ASP E 5 15.99 22.26 2.97
N GLN E 6 16.64 23.39 2.71
CA GLN E 6 15.90 24.64 2.56
C GLN E 6 14.98 24.58 1.34
N ILE E 7 15.42 23.91 0.27
CA ILE E 7 14.61 23.85 -0.94
C ILE E 7 13.43 22.91 -0.75
N ILE E 8 13.60 21.85 0.05
CA ILE E 8 12.46 20.98 0.34
C ILE E 8 11.43 21.73 1.16
N HIS E 9 11.87 22.74 1.92
CA HIS E 9 11.01 23.55 2.77
C HIS E 9 9.99 24.36 1.99
N ASP E 10 10.13 24.45 0.67
CA ASP E 10 9.25 25.33 -0.12
C ASP E 10 7.86 24.74 -0.31
N PHE E 11 7.78 23.49 -0.77
CA PHE E 11 6.50 22.88 -1.13
C PHE E 11 5.84 22.14 0.02
N ILE E 12 6.56 21.91 1.11
CA ILE E 12 6.05 21.15 2.25
C ILE E 12 5.38 22.10 3.24
N ASP E 13 5.20 23.36 2.82
CA ASP E 13 4.73 24.40 3.71
C ASP E 13 3.31 24.10 4.20
N LYS E 14 2.85 24.95 5.11
CA LYS E 14 1.60 24.75 5.82
C LYS E 14 0.43 24.57 4.85
N PRO E 15 -0.29 23.44 4.89
CA PRO E 15 -1.46 23.26 4.02
C PRO E 15 -2.69 24.03 4.52
N THR F 1 -12.02 -28.42 0.74
CA THR F 1 -12.09 -26.97 0.61
C THR F 1 -13.17 -26.56 -0.38
N ASP F 2 -13.64 -27.53 -1.18
CA ASP F 2 -14.66 -27.22 -2.18
C ASP F 2 -15.92 -26.67 -1.54
N LYS F 3 -16.43 -27.34 -0.52
CA LYS F 3 -17.63 -26.86 0.17
C LYS F 3 -17.42 -25.45 0.71
N ILE F 4 -16.20 -25.12 1.12
CA ILE F 4 -15.91 -23.75 1.56
C ILE F 4 -15.88 -22.81 0.37
N ASP F 5 -15.21 -23.23 -0.72
CA ASP F 5 -15.14 -22.39 -1.90
C ASP F 5 -16.52 -22.02 -2.42
N GLN F 6 -17.50 -22.90 -2.25
CA GLN F 6 -18.87 -22.54 -2.60
C GLN F 6 -19.38 -21.40 -1.72
N ILE F 7 -18.99 -21.40 -0.45
CA ILE F 7 -19.48 -20.36 0.45
C ILE F 7 -18.76 -19.04 0.19
N ILE F 8 -17.50 -19.08 -0.23
CA ILE F 8 -16.80 -17.86 -0.62
C ILE F 8 -17.43 -17.30 -1.89
N HIS F 9 -18.04 -18.17 -2.69
CA HIS F 9 -18.70 -17.79 -3.94
C HIS F 9 -19.90 -16.89 -3.71
N ASP F 10 -20.35 -16.74 -2.46
CA ASP F 10 -21.58 -16.01 -2.16
C ASP F 10 -21.39 -14.50 -2.23
N PHE F 11 -20.36 -13.98 -1.56
CA PHE F 11 -20.19 -12.53 -1.41
C PHE F 11 -19.40 -11.88 -2.54
N ILE F 12 -18.77 -12.66 -3.42
CA ILE F 12 -17.96 -12.09 -4.49
C ILE F 12 -18.85 -11.84 -5.69
N ASP F 13 -20.17 -11.99 -5.51
CA ASP F 13 -21.06 -11.87 -6.65
C ASP F 13 -20.91 -10.50 -7.28
N LYS F 14 -21.19 -10.42 -8.57
CA LYS F 14 -20.91 -9.21 -9.32
C LYS F 14 -21.70 -8.03 -8.76
N PRO F 15 -21.04 -6.96 -8.30
CA PRO F 15 -21.77 -5.77 -7.84
C PRO F 15 -22.27 -4.91 -9.00
#